data_7CQK
#
_entry.id   7CQK
#
loop_
_entity.id
_entity.type
_entity.pdbx_description
1 polymer 'Serine palmitoyltransferase 1'
2 polymer 'Serine palmitoyltransferase 2'
3 polymer 'ORM1-like protein 3'
4 polymer 'Serine palmitoyltransferase small subunit A'
5 non-polymer [3-HYDROXY-2-METHYL-5-PHOSPHONOOXYMETHYL-PYRIDIN-4-YLMETHYL]-SERINE
6 non-polymer '[[(2R,3S,4R,5R)-5-(6-aminopurin-9-yl)-4-oxidanyl-3-phosphonooxy-oxolan-2-yl]methoxy-oxidanyl-phosphoryl] [(3R)-2,2-dimethyl-3-oxidanyl-4-oxidanylidene-4-[[3-oxidanylidene-3-[2-(2-oxidanylideneheptadecylsulfanyl)ethylamino]propyl]amino]butyl] hydrogen phosphate'
#
loop_
_entity_poly.entity_id
_entity_poly.type
_entity_poly.pdbx_seq_one_letter_code
_entity_poly.pdbx_strand_id
1 'polypeptide(L)'
;MATATEQWVLVEMVQALYEAPAYHLILEGILILWIIRLLFSKTYKLQERSDLTVKEKEELIEEWQPEPLVPPVPKDHPAL
NYNIVSGPPSHKTVVNGKECINFASFNFLGLLDNPRVKAAALASLKKYGVGTCGPRGFYGTFDVHLDLEDRLAKFMKTEE
AIIYSYGFATIASAIPAYSKRGDIVFVDRAACFAIQKGLQASRSDIKLFKHNDMADLERLLKEQEIEDQKNPRKARVTRR
FIVVEGLYMNTGTICPLPELVKLKYKYKARIFLEESLSFGVLGEHGRGVTEHYGINIDDIDLISANMENALASIGGFCCG
RSFVIDHQRLSGQGYCFSASLPPLLAAAAIEALNIMEENPGIFAVLKEKCGQIHKALQGISGLKVVGESLSPAFHLQLEE
STGSREQDVRLLQEIVDQCMNRSIALTQARYLEKEEKCLPPPSIRVVVTVEQTEEELERAASTIKEVAQAVLL
;
S,C
2 'polypeptide(L)'
;MRPEPGGCCCRRTVRANGCVANGEVRNGYVRSSAAAAAAAAAGQIHHVTQNGGLYKRPFNEAFEETPMLVAVLTYVGYGV
LTLFGYLRDFLRYWRIEKCHHATEREEQKDFVSLYQDFENFYTRNLYMRIRDNWNRPICSVPGARVDIMERQSHDYNWSF
KYTGNIIKGVINMGSYNYLGFARNTGSCQEAAAKVLEEYGAGVCSTRQEIGNLDKHEELEELVARFLGVEAAMAYGMGFA
TNSMNIPALVGKGCLILSDELNHASLVLGARLSGATIRIFKHNNMQSLEKLLKDAIVYGQPRTRRPWKKILILVEGIYSM
EGSIVRLPEVIALKKKYKAYLYLDEAHSIGALGPTGRGVVEYFGLDPEDVDVMMGTFTKSFGASGGYIGGKKELIDYLRT
HSHSAVYATSLSPPVVEQIITSMKCIMGQDGTSLGKECVQQLAENTRYFRRRLKEMGFIIYGNEDSPVVPLMLYMPAKIG
AFGREMLKRNIGVVVVGFPATPIIESRARFCLSAAHTKEILDTALKEIDEVGDLLQLKYSRHRLVPLLDRPFDETTYEET
ED
;
T
3 'polypeptide(L)'
;MNVGTAHSEVNPNTRVMNSRGIWLSYVLAIGLLHIVLLSIPFVSVPVVWTLTNLIHNMGMYIFLHTVKGTPFETPDQGKA
RLLTHWEQMDYGVQFTASRKFLTITPIVLYFLTSFYTKYDQIHFVLNTVSLMSVLIPKLPQLHGVRIFGINKY
;
A
4 'polypeptide(L)'
;MADYKDDDDKSGPDEVDASGRMAGMALARAWKQMSWFYYQYLLVTALYMLEPWERTVFNSMLVSIVGMALYTGYVFMPQH
IMAILHYFEIVQ
;
E
#
# COMPACT_ATOMS: atom_id res chain seq x y z
N LEU A 52 0.44 -44.37 -5.36
CA LEU A 52 -0.53 -43.61 -6.15
C LEU A 52 0.18 -42.67 -7.11
N THR A 53 -0.23 -42.66 -8.38
CA THR A 53 0.38 -41.82 -9.41
C THR A 53 1.90 -42.02 -9.55
N VAL A 54 2.30 -43.11 -10.22
CA VAL A 54 3.71 -43.45 -10.40
C VAL A 54 4.49 -42.45 -11.25
N LYS A 55 5.81 -42.44 -11.12
CA LYS A 55 6.62 -41.47 -11.83
C LYS A 55 6.43 -41.51 -13.34
N GLU A 56 6.32 -42.71 -13.92
CA GLU A 56 6.05 -42.81 -15.34
C GLU A 56 4.66 -42.20 -15.62
N LYS A 57 3.69 -42.51 -14.76
CA LYS A 57 2.33 -42.00 -14.88
C LYS A 57 2.27 -40.48 -14.70
N GLU A 58 3.06 -39.95 -13.76
CA GLU A 58 3.04 -38.52 -13.49
C GLU A 58 3.47 -37.66 -14.68
N GLU A 59 4.49 -38.09 -15.40
CA GLU A 59 4.95 -37.33 -16.56
C GLU A 59 3.94 -37.43 -17.69
N LEU A 60 3.29 -38.59 -17.79
CA LEU A 60 2.24 -38.80 -18.77
C LEU A 60 1.15 -37.74 -18.69
N ILE A 61 1.00 -37.13 -17.50
CA ILE A 61 0.05 -36.07 -17.24
C ILE A 61 0.60 -34.70 -17.62
N GLU A 62 1.82 -34.68 -18.16
CA GLU A 62 2.44 -33.42 -18.59
C GLU A 62 2.14 -33.09 -20.06
N GLU A 63 1.02 -33.63 -20.57
CA GLU A 63 0.52 -33.37 -21.90
C GLU A 63 -0.38 -32.16 -21.89
N TRP A 64 -0.76 -31.74 -20.69
CA TRP A 64 -1.70 -30.64 -20.45
C TRP A 64 -1.34 -29.33 -21.13
N GLN A 65 -2.23 -28.82 -21.99
CA GLN A 65 -1.93 -27.54 -22.59
C GLN A 65 -2.87 -26.46 -22.06
N PRO A 66 -2.36 -25.27 -21.81
CA PRO A 66 -3.17 -24.21 -21.20
C PRO A 66 -3.84 -23.33 -22.26
N GLU A 67 -4.73 -22.47 -21.77
CA GLU A 67 -5.31 -21.44 -22.60
C GLU A 67 -4.26 -20.40 -22.95
N PRO A 68 -4.43 -19.66 -24.04
CA PRO A 68 -3.60 -18.47 -24.25
C PRO A 68 -3.92 -17.44 -23.20
N LEU A 69 -2.97 -16.54 -23.01
CA LEU A 69 -3.09 -15.52 -21.97
C LEU A 69 -4.21 -14.54 -22.28
N VAL A 70 -4.28 -14.10 -23.51
CA VAL A 70 -5.18 -13.04 -23.93
C VAL A 70 -6.17 -13.63 -24.95
N PRO A 71 -7.47 -13.40 -24.80
CA PRO A 71 -8.44 -13.81 -25.83
C PRO A 71 -8.23 -13.05 -27.12
N PRO A 72 -8.55 -13.68 -28.25
CA PRO A 72 -8.41 -13.08 -29.57
C PRO A 72 -9.35 -11.91 -29.78
N VAL A 73 -8.90 -10.70 -29.46
CA VAL A 73 -9.72 -9.51 -29.65
C VAL A 73 -10.08 -9.42 -31.13
N PRO A 74 -11.37 -9.17 -31.41
CA PRO A 74 -11.91 -9.05 -32.77
C PRO A 74 -11.61 -7.71 -33.42
N LYS A 75 -12.01 -7.56 -34.68
CA LYS A 75 -11.80 -6.32 -35.40
C LYS A 75 -12.92 -5.32 -35.10
N ASP A 76 -13.97 -5.81 -34.46
CA ASP A 76 -15.10 -4.98 -34.08
C ASP A 76 -15.23 -4.96 -32.56
N HIS A 77 -15.26 -3.76 -31.99
CA HIS A 77 -15.39 -3.60 -30.55
C HIS A 77 -15.89 -2.19 -30.28
N PRO A 78 -15.70 -1.70 -29.05
CA PRO A 78 -16.15 -0.34 -28.74
C PRO A 78 -15.08 0.67 -29.15
N ALA A 79 -14.37 1.24 -28.18
CA ALA A 79 -13.34 2.21 -28.50
C ALA A 79 -11.99 1.58 -28.85
N LEU A 80 -11.93 0.84 -29.94
CA LEU A 80 -10.67 0.27 -30.39
C LEU A 80 -9.75 1.38 -30.85
N ASN A 81 -10.34 2.37 -31.53
CA ASN A 81 -9.59 3.50 -32.06
C ASN A 81 -9.77 4.79 -31.27
N TYR A 82 -8.71 5.18 -30.57
CA TYR A 82 -8.65 6.38 -29.76
C TYR A 82 -8.63 7.64 -30.63
N ASN A 83 -9.10 8.75 -30.08
CA ASN A 83 -9.08 10.02 -30.80
C ASN A 83 -7.77 10.73 -30.50
N ILE A 84 -6.88 10.79 -31.49
CA ILE A 84 -5.64 11.55 -31.33
C ILE A 84 -5.95 13.03 -31.36
N VAL A 85 -5.45 13.76 -30.37
CA VAL A 85 -5.72 15.18 -30.19
C VAL A 85 -4.41 15.93 -30.28
N SER A 86 -4.35 16.91 -31.18
CA SER A 86 -3.17 17.73 -31.33
C SER A 86 -3.27 18.97 -30.45
N GLY A 87 -2.21 19.27 -29.72
CA GLY A 87 -2.18 20.43 -28.88
C GLY A 87 -2.85 20.18 -27.55
N PRO A 88 -3.10 21.25 -26.77
CA PRO A 88 -3.72 21.07 -25.47
C PRO A 88 -5.21 20.81 -25.62
N PRO A 89 -5.84 20.16 -24.65
CA PRO A 89 -7.27 19.88 -24.72
C PRO A 89 -8.14 21.06 -24.28
N SER A 90 -7.87 22.24 -24.83
CA SER A 90 -8.49 23.47 -24.38
C SER A 90 -9.88 23.63 -24.95
N HIS A 91 -10.38 24.86 -24.93
CA HIS A 91 -11.73 25.16 -25.39
C HIS A 91 -11.90 24.87 -26.87
N LYS A 92 -10.95 25.28 -27.70
CA LYS A 92 -10.99 25.05 -29.14
C LYS A 92 -9.91 24.03 -29.46
N THR A 93 -10.28 22.76 -29.40
CA THR A 93 -9.33 21.69 -29.57
C THR A 93 -9.33 21.15 -31.00
N VAL A 94 -8.29 20.40 -31.35
CA VAL A 94 -8.15 19.85 -32.68
C VAL A 94 -8.17 18.32 -32.70
N VAL A 95 -9.32 17.73 -32.40
CA VAL A 95 -9.45 16.28 -32.37
C VAL A 95 -9.47 15.70 -33.78
N ASN A 96 -8.65 14.68 -34.00
CA ASN A 96 -8.55 14.01 -35.29
C ASN A 96 -8.41 14.95 -36.48
N GLY A 97 -7.52 15.94 -36.36
CA GLY A 97 -7.32 16.91 -37.42
C GLY A 97 -8.63 17.56 -37.83
N LYS A 98 -9.27 18.24 -36.87
CA LYS A 98 -10.55 18.89 -37.13
C LYS A 98 -10.87 19.90 -36.04
N GLU A 99 -10.81 21.19 -36.38
CA GLU A 99 -11.11 22.24 -35.41
C GLU A 99 -12.51 22.03 -34.85
N CYS A 100 -12.65 22.12 -33.53
CA CYS A 100 -13.92 21.88 -32.87
C CYS A 100 -13.94 22.51 -31.48
N ILE A 101 -15.16 22.72 -30.98
CA ILE A 101 -15.42 23.35 -29.69
C ILE A 101 -15.97 22.28 -28.75
N ASN A 102 -15.18 21.86 -27.76
CA ASN A 102 -15.47 20.59 -27.14
C ASN A 102 -16.49 20.69 -26.02
N PHE A 103 -17.08 19.53 -25.74
CA PHE A 103 -18.08 19.38 -24.69
C PHE A 103 -17.86 18.08 -23.95
N ALA A 104 -16.63 17.59 -23.90
CA ALA A 104 -16.35 16.35 -23.18
C ALA A 104 -15.13 16.39 -22.25
N SER A 105 -14.44 17.53 -22.15
CA SER A 105 -13.45 17.73 -21.11
C SER A 105 -14.14 18.13 -19.82
N PHE A 106 -13.48 17.82 -18.70
CA PHE A 106 -14.03 18.06 -17.39
C PHE A 106 -13.54 19.29 -16.64
N ASN A 107 -12.97 20.27 -17.33
CA ASN A 107 -12.56 21.48 -16.61
C ASN A 107 -13.75 22.44 -16.51
N PHE A 108 -14.49 22.31 -15.41
CA PHE A 108 -15.69 23.11 -15.21
C PHE A 108 -15.38 24.58 -14.95
N LEU A 109 -14.18 24.92 -14.49
CA LEU A 109 -13.88 26.26 -14.03
C LEU A 109 -12.93 27.01 -14.95
N GLY A 110 -12.73 26.51 -16.17
CA GLY A 110 -11.59 26.97 -16.92
C GLY A 110 -10.35 26.40 -16.28
N LEU A 111 -9.47 27.27 -15.78
CA LEU A 111 -8.30 26.94 -14.96
C LEU A 111 -7.28 26.00 -15.58
N LEU A 112 -7.46 25.61 -16.84
CA LEU A 112 -6.48 24.76 -17.48
C LEU A 112 -5.45 25.62 -18.18
N ASP A 113 -5.89 26.43 -19.13
CA ASP A 113 -5.00 27.30 -19.87
C ASP A 113 -5.02 28.69 -19.25
N ASN A 114 -4.88 28.73 -17.94
CA ASN A 114 -4.87 30.00 -17.22
C ASN A 114 -3.45 30.52 -17.10
N PRO A 115 -3.26 31.83 -17.35
CA PRO A 115 -1.94 32.45 -17.29
C PRO A 115 -1.39 32.47 -15.87
N ARG A 116 -2.27 32.58 -14.88
CA ARG A 116 -1.88 32.62 -13.49
C ARG A 116 -1.41 31.26 -12.99
N VAL A 117 -2.31 30.28 -13.10
CA VAL A 117 -2.05 28.91 -12.67
C VAL A 117 -0.73 28.40 -13.24
N LYS A 118 -0.48 28.71 -14.51
CA LYS A 118 0.69 28.21 -15.19
C LYS A 118 1.96 28.97 -14.82
N ALA A 119 1.82 30.16 -14.24
CA ALA A 119 2.98 30.87 -13.74
C ALA A 119 3.42 30.34 -12.39
N ALA A 120 2.49 29.79 -11.62
CA ALA A 120 2.83 29.25 -10.31
C ALA A 120 3.43 27.86 -10.41
N ALA A 121 3.01 27.07 -11.39
CA ALA A 121 3.61 25.76 -11.58
C ALA A 121 5.01 25.86 -12.16
N LEU A 122 5.29 26.92 -12.92
CA LEU A 122 6.63 27.10 -13.45
C LEU A 122 7.59 27.60 -12.40
N ALA A 123 7.13 28.42 -11.46
CA ALA A 123 7.96 28.90 -10.38
C ALA A 123 8.37 27.81 -9.41
N SER A 124 7.68 26.67 -9.42
CA SER A 124 8.04 25.51 -8.63
C SER A 124 8.77 24.44 -9.41
N LEU A 125 8.82 24.55 -10.73
CA LEU A 125 9.63 23.63 -11.52
C LEU A 125 11.10 24.01 -11.49
N LYS A 126 11.42 25.26 -11.22
CA LYS A 126 12.80 25.72 -11.25
C LYS A 126 13.48 25.67 -9.90
N LYS A 127 12.79 25.15 -8.89
CA LYS A 127 13.36 25.05 -7.57
C LYS A 127 13.25 23.66 -6.95
N TYR A 128 12.50 22.77 -7.60
CA TYR A 128 12.30 21.42 -7.09
C TYR A 128 12.58 20.32 -8.09
N GLY A 129 12.55 20.61 -9.39
CA GLY A 129 12.63 19.57 -10.40
C GLY A 129 11.25 19.08 -10.79
N VAL A 130 11.21 17.94 -11.45
CA VAL A 130 9.93 17.43 -11.93
C VAL A 130 9.30 16.52 -10.89
N GLY A 131 9.99 15.45 -10.51
CA GLY A 131 9.43 14.45 -9.65
C GLY A 131 10.03 14.46 -8.26
N THR A 132 9.41 13.66 -7.39
CA THR A 132 9.97 13.30 -6.09
C THR A 132 10.94 12.16 -6.31
N CYS A 133 11.41 11.53 -5.24
CA CYS A 133 12.19 10.32 -5.44
C CYS A 133 11.72 9.20 -4.53
N GLY A 134 11.12 9.54 -3.39
CA GLY A 134 10.74 8.55 -2.41
C GLY A 134 9.25 8.52 -2.12
N PRO A 135 8.81 7.56 -1.30
CA PRO A 135 7.38 7.38 -1.01
C PRO A 135 6.87 8.07 0.25
N ARG A 136 7.26 9.33 0.45
CA ARG A 136 6.63 10.28 1.38
C ARG A 136 6.83 9.96 2.87
N GLY A 137 7.37 8.79 3.19
CA GLY A 137 7.77 8.48 4.53
C GLY A 137 9.28 8.37 4.56
N PHE A 138 9.85 8.34 3.36
CA PHE A 138 11.28 8.25 3.16
C PHE A 138 11.78 9.42 2.32
N TYR A 139 11.96 10.57 2.96
CA TYR A 139 12.48 11.77 2.29
C TYR A 139 11.73 12.10 1.01
N GLY A 140 10.42 12.22 1.13
CA GLY A 140 9.61 12.43 -0.05
C GLY A 140 8.48 13.40 0.12
N THR A 141 8.59 14.31 1.11
CA THR A 141 7.61 15.37 1.43
C THR A 141 8.34 16.68 1.10
N PHE A 142 7.65 17.63 0.47
CA PHE A 142 8.27 18.91 0.20
C PHE A 142 7.52 19.96 1.02
N ASP A 143 7.70 21.23 0.69
CA ASP A 143 7.00 22.27 1.42
C ASP A 143 5.59 22.37 0.91
N VAL A 144 5.44 22.08 -0.38
CA VAL A 144 4.14 22.14 -1.03
C VAL A 144 3.16 21.11 -0.48
N HIS A 145 3.63 19.89 -0.26
CA HIS A 145 2.76 18.85 0.25
C HIS A 145 2.16 19.23 1.59
N LEU A 146 2.98 19.79 2.47
CA LEU A 146 2.52 20.20 3.79
C LEU A 146 1.66 21.44 3.74
N ASP A 147 1.92 22.31 2.76
CA ASP A 147 1.17 23.54 2.60
C ASP A 147 -0.13 23.34 1.85
N LEU A 148 -0.20 22.34 0.97
CA LEU A 148 -1.45 22.06 0.31
C LEU A 148 -2.43 21.35 1.23
N GLU A 149 -1.94 20.49 2.13
CA GLU A 149 -2.83 19.84 3.08
C GLU A 149 -3.34 20.81 4.14
N ASP A 150 -2.64 21.91 4.38
CA ASP A 150 -3.12 22.92 5.32
C ASP A 150 -4.17 23.81 4.68
N ARG A 151 -3.98 24.08 3.40
CA ARG A 151 -4.87 24.95 2.63
C ARG A 151 -6.17 24.25 2.27
N LEU A 152 -6.08 22.98 1.89
CA LEU A 152 -7.25 22.20 1.51
C LEU A 152 -8.19 22.03 2.69
N ALA A 153 -7.63 21.77 3.86
CA ALA A 153 -8.41 21.57 5.07
C ALA A 153 -9.09 22.84 5.55
N LYS A 154 -8.47 23.98 5.26
CA LYS A 154 -9.02 25.26 5.67
C LYS A 154 -10.06 25.77 4.68
N PHE A 155 -10.07 25.16 3.49
CA PHE A 155 -11.02 25.53 2.45
C PHE A 155 -12.34 24.82 2.67
N MET A 156 -12.30 23.74 3.44
CA MET A 156 -13.49 22.97 3.75
C MET A 156 -13.88 23.18 5.20
N LYS A 157 -13.09 23.99 5.88
CA LYS A 157 -13.33 24.30 7.30
C LYS A 157 -13.50 23.03 8.13
N THR A 158 -12.75 22.01 7.80
CA THR A 158 -12.62 20.79 8.57
C THR A 158 -11.29 20.80 9.30
N GLU A 159 -10.93 19.66 9.90
CA GLU A 159 -9.78 19.65 10.80
C GLU A 159 -8.49 19.17 10.12
N GLU A 160 -8.56 18.21 9.20
CA GLU A 160 -7.35 17.67 8.60
C GLU A 160 -7.67 17.09 7.22
N ALA A 161 -6.68 17.13 6.31
CA ALA A 161 -6.77 16.52 4.99
C ALA A 161 -5.56 15.65 4.72
N ILE A 162 -5.60 14.92 3.59
CA ILE A 162 -4.55 14.00 3.16
C ILE A 162 -4.54 14.02 1.63
N ILE A 163 -3.41 13.66 1.03
CA ILE A 163 -3.24 13.74 -0.42
C ILE A 163 -2.68 12.42 -0.94
N TYR A 164 -3.37 11.93 -1.96
CA TYR A 164 -2.97 10.76 -2.73
C TYR A 164 -2.52 11.33 -4.09
N SER A 165 -1.69 10.61 -4.80
CA SER A 165 -1.12 11.10 -6.05
C SER A 165 -1.89 10.67 -7.27
N TYR A 166 -3.07 10.05 -7.09
CA TYR A 166 -3.85 9.54 -8.21
C TYR A 166 -5.32 9.72 -7.93
N GLY A 167 -6.14 9.81 -8.97
CA GLY A 167 -7.55 10.06 -8.73
C GLY A 167 -8.35 8.83 -8.37
N PHE A 168 -8.00 7.70 -8.97
CA PHE A 168 -8.70 6.45 -8.76
C PHE A 168 -8.29 5.67 -7.52
N ALA A 169 -7.17 6.03 -6.92
CA ALA A 169 -6.68 5.33 -5.75
C ALA A 169 -6.84 6.09 -4.46
N THR A 170 -7.68 7.13 -4.42
CA THR A 170 -7.93 7.83 -3.17
C THR A 170 -9.14 7.29 -2.43
N ILE A 171 -10.00 6.58 -3.15
CA ILE A 171 -11.19 5.99 -2.54
C ILE A 171 -11.02 4.48 -2.46
N ALA A 172 -10.40 3.89 -3.48
CA ALA A 172 -10.12 2.46 -3.43
C ALA A 172 -9.10 2.10 -2.38
N SER A 173 -8.44 3.09 -1.77
CA SER A 173 -7.52 2.87 -0.67
C SER A 173 -8.08 3.35 0.66
N ALA A 174 -9.22 4.03 0.66
CA ALA A 174 -9.82 4.56 1.87
C ALA A 174 -11.01 3.76 2.34
N ILE A 175 -11.74 3.10 1.46
CA ILE A 175 -12.78 2.15 1.90
C ILE A 175 -12.18 0.94 2.60
N PRO A 176 -11.16 0.22 2.11
CA PRO A 176 -10.72 -0.96 2.84
C PRO A 176 -9.86 -0.69 4.07
N ALA A 177 -9.59 0.56 4.40
CA ALA A 177 -8.82 0.85 5.60
C ALA A 177 -9.70 0.84 6.84
N TYR A 178 -11.00 1.05 6.67
CA TYR A 178 -11.93 1.06 7.78
C TYR A 178 -12.80 -0.18 7.79
N SER A 179 -13.50 -0.43 6.68
CA SER A 179 -14.36 -1.59 6.57
C SER A 179 -13.55 -2.88 6.55
N LYS A 180 -13.94 -3.84 7.38
CA LYS A 180 -13.22 -5.11 7.46
C LYS A 180 -14.11 -6.31 7.16
N ARG A 181 -13.58 -7.49 7.43
CA ARG A 181 -14.26 -8.75 7.18
C ARG A 181 -15.67 -8.91 7.75
N GLY A 182 -15.89 -8.49 8.99
CA GLY A 182 -17.20 -8.65 9.58
C GLY A 182 -18.08 -7.41 9.67
N ASP A 183 -18.21 -6.66 8.58
CA ASP A 183 -18.96 -5.41 8.63
C ASP A 183 -20.10 -5.41 7.63
N ILE A 184 -20.79 -4.28 7.51
CA ILE A 184 -21.90 -4.14 6.57
C ILE A 184 -21.85 -2.75 5.91
N VAL A 185 -22.03 -2.70 4.60
CA VAL A 185 -21.97 -1.46 3.82
C VAL A 185 -23.28 -1.34 3.05
N PHE A 186 -23.80 -0.13 2.92
CA PHE A 186 -25.04 0.10 2.16
C PHE A 186 -24.73 1.09 1.03
N VAL A 187 -24.85 0.62 -0.22
CA VAL A 187 -24.31 1.35 -1.38
C VAL A 187 -25.47 1.70 -2.31
N ASP A 188 -25.43 2.90 -2.85
CA ASP A 188 -26.52 3.41 -3.66
C ASP A 188 -26.93 2.56 -4.85
N ARG A 189 -25.98 1.76 -5.33
CA ARG A 189 -26.06 0.82 -6.49
C ARG A 189 -25.87 1.50 -7.86
N ALA A 190 -25.76 2.81 -7.83
CA ALA A 190 -25.48 3.67 -8.96
C ALA A 190 -24.08 4.27 -8.76
N ALA A 191 -23.32 3.74 -7.78
CA ALA A 191 -21.99 4.20 -7.43
C ALA A 191 -20.98 4.01 -8.55
N CYS A 192 -19.85 4.70 -8.45
CA CYS A 192 -18.89 4.64 -9.53
C CYS A 192 -18.01 3.40 -9.39
N PHE A 193 -17.20 3.16 -10.41
CA PHE A 193 -16.31 2.02 -10.43
C PHE A 193 -15.27 2.09 -9.33
N ALA A 194 -14.80 3.30 -9.02
CA ALA A 194 -13.77 3.44 -8.01
C ALA A 194 -14.26 2.99 -6.65
N ILE A 195 -15.54 3.16 -6.38
CA ILE A 195 -16.10 2.70 -5.13
C ILE A 195 -16.24 1.19 -5.13
N GLN A 196 -16.65 0.62 -6.26
CA GLN A 196 -16.92 -0.81 -6.35
C GLN A 196 -15.66 -1.65 -6.23
N LYS A 197 -14.48 -1.09 -6.45
CA LYS A 197 -13.24 -1.84 -6.26
C LYS A 197 -12.58 -1.57 -4.93
N GLY A 198 -13.11 -0.65 -4.14
CA GLY A 198 -12.67 -0.53 -2.76
C GLY A 198 -13.54 -1.43 -1.93
N LEU A 199 -14.78 -1.61 -2.38
CA LEU A 199 -15.69 -2.52 -1.71
C LEU A 199 -15.31 -3.97 -1.92
N GLN A 200 -14.76 -4.28 -3.09
CA GLN A 200 -14.37 -5.64 -3.39
C GLN A 200 -12.98 -5.94 -2.87
N ALA A 201 -12.47 -5.04 -2.03
CA ALA A 201 -11.13 -5.20 -1.47
C ALA A 201 -11.17 -5.23 0.04
N SER A 202 -12.27 -4.75 0.61
CA SER A 202 -12.43 -4.69 2.05
C SER A 202 -12.97 -5.99 2.65
N ARG A 203 -13.52 -6.85 1.80
CA ARG A 203 -14.08 -8.13 2.21
C ARG A 203 -15.14 -8.07 3.31
N SER A 204 -16.23 -7.35 3.02
CA SER A 204 -17.35 -7.19 3.94
C SER A 204 -18.66 -7.51 3.22
N ASP A 205 -19.71 -7.70 4.00
CA ASP A 205 -21.04 -7.96 3.45
C ASP A 205 -21.60 -6.68 2.86
N ILE A 206 -22.00 -6.75 1.59
CA ILE A 206 -22.34 -5.56 0.82
C ILE A 206 -23.80 -5.66 0.42
N LYS A 207 -24.58 -4.67 0.80
CA LYS A 207 -25.99 -4.63 0.43
C LYS A 207 -26.29 -3.37 -0.34
N LEU A 208 -26.95 -3.49 -1.48
CA LEU A 208 -27.22 -2.30 -2.28
C LEU A 208 -28.69 -1.95 -2.32
N PHE A 209 -29.00 -0.70 -1.98
CA PHE A 209 -30.38 -0.26 -2.04
C PHE A 209 -30.66 0.32 -3.41
N LYS A 210 -31.88 0.78 -3.64
CA LYS A 210 -32.24 1.36 -4.92
C LYS A 210 -31.69 2.76 -5.10
N HIS A 211 -31.70 3.26 -6.32
CA HIS A 211 -31.15 4.58 -6.57
C HIS A 211 -32.02 5.74 -6.08
N ASN A 212 -31.41 6.62 -5.30
CA ASN A 212 -32.03 7.83 -4.78
C ASN A 212 -33.28 7.77 -3.88
N ASP A 213 -33.53 6.65 -3.21
CA ASP A 213 -34.69 6.61 -2.33
C ASP A 213 -34.26 6.20 -0.94
N MET A 214 -34.93 6.80 0.05
CA MET A 214 -34.71 6.47 1.45
C MET A 214 -35.71 5.46 1.97
N ALA A 215 -36.70 5.08 1.17
CA ALA A 215 -37.63 4.05 1.59
C ALA A 215 -37.01 2.66 1.49
N ASP A 216 -36.11 2.45 0.54
CA ASP A 216 -35.44 1.15 0.44
C ASP A 216 -34.30 1.04 1.44
N LEU A 217 -33.60 2.13 1.71
CA LEU A 217 -32.54 2.09 2.70
C LEU A 217 -33.09 2.08 4.11
N GLU A 218 -34.34 2.49 4.32
CA GLU A 218 -34.95 2.27 5.62
C GLU A 218 -35.46 0.84 5.75
N ARG A 219 -35.93 0.26 4.64
CA ARG A 219 -36.38 -1.12 4.61
C ARG A 219 -35.25 -2.09 4.92
N LEU A 220 -34.04 -1.72 4.53
CA LEU A 220 -32.92 -2.63 4.59
C LEU A 220 -32.11 -2.49 5.86
N LEU A 221 -32.25 -1.37 6.59
CA LEU A 221 -31.66 -1.28 7.91
C LEU A 221 -32.47 -2.00 8.97
N LYS A 222 -33.78 -2.14 8.77
CA LYS A 222 -34.61 -2.82 9.75
C LYS A 222 -34.36 -4.32 9.76
N GLU A 223 -34.08 -4.90 8.59
CA GLU A 223 -33.74 -6.32 8.51
C GLU A 223 -32.44 -6.63 9.23
N GLN A 224 -31.53 -5.67 9.32
CA GLN A 224 -30.31 -5.87 10.08
C GLN A 224 -30.54 -5.63 11.56
N GLU A 225 -31.56 -4.85 11.92
CA GLU A 225 -31.89 -4.64 13.32
C GLU A 225 -32.67 -5.79 13.93
N ILE A 226 -33.12 -6.73 13.11
CA ILE A 226 -33.76 -7.92 13.64
C ILE A 226 -32.73 -8.99 13.93
N GLU A 227 -31.74 -9.14 13.04
CA GLU A 227 -30.58 -9.98 13.33
C GLU A 227 -29.69 -9.37 14.41
N ASP A 228 -29.88 -8.09 14.73
CA ASP A 228 -29.27 -7.48 15.89
C ASP A 228 -29.65 -8.21 17.16
N GLN A 229 -30.95 -8.45 17.37
CA GLN A 229 -31.42 -9.01 18.62
C GLN A 229 -31.44 -10.54 18.63
N LYS A 230 -31.37 -11.20 17.49
CA LYS A 230 -31.24 -12.66 17.48
C LYS A 230 -29.84 -13.15 17.78
N ASN A 231 -28.86 -12.25 17.87
CA ASN A 231 -27.51 -12.57 18.32
C ASN A 231 -26.84 -11.30 18.83
N PRO A 232 -27.20 -10.80 20.02
CA PRO A 232 -26.67 -9.51 20.48
C PRO A 232 -25.26 -9.57 21.02
N ARG A 233 -24.69 -10.76 21.13
CA ARG A 233 -23.33 -10.90 21.63
C ARG A 233 -22.36 -10.46 20.56
N LYS A 234 -22.61 -10.86 19.32
CA LYS A 234 -21.74 -10.52 18.21
C LYS A 234 -22.32 -9.40 17.34
N ALA A 235 -23.42 -8.80 17.79
CA ALA A 235 -24.04 -7.71 17.07
C ALA A 235 -23.70 -6.39 17.76
N ARG A 236 -22.65 -6.42 18.57
CA ARG A 236 -22.17 -5.26 19.31
C ARG A 236 -20.68 -5.10 19.00
N VAL A 237 -20.29 -5.56 17.82
CA VAL A 237 -18.90 -5.50 17.40
C VAL A 237 -18.76 -5.43 15.90
N THR A 238 -19.87 -5.16 15.21
CA THR A 238 -19.85 -5.04 13.76
C THR A 238 -20.32 -3.65 13.38
N ARG A 239 -19.38 -2.79 13.00
CA ARG A 239 -19.72 -1.42 12.64
C ARG A 239 -20.47 -1.36 11.33
N ARG A 240 -21.40 -0.43 11.22
CA ARG A 240 -22.18 -0.26 10.00
C ARG A 240 -21.75 1.02 9.32
N PHE A 241 -21.63 0.95 8.00
CA PHE A 241 -21.23 2.09 7.20
C PHE A 241 -22.27 2.35 6.11
N ILE A 242 -22.31 3.57 5.59
CA ILE A 242 -23.15 3.94 4.45
C ILE A 242 -22.26 4.67 3.47
N VAL A 243 -22.22 4.22 2.23
CA VAL A 243 -21.40 4.87 1.21
C VAL A 243 -22.30 5.51 0.16
N VAL A 244 -22.21 6.82 0.03
CA VAL A 244 -23.03 7.55 -0.91
C VAL A 244 -22.19 8.52 -1.73
N GLU A 245 -22.66 8.91 -2.89
CA GLU A 245 -21.95 9.84 -3.75
C GLU A 245 -22.65 11.18 -3.82
N GLY A 246 -21.88 12.25 -3.83
CA GLY A 246 -22.45 13.58 -3.86
C GLY A 246 -23.28 13.97 -5.07
N LEU A 247 -22.78 13.61 -6.25
CA LEU A 247 -23.41 13.87 -7.52
C LEU A 247 -22.98 12.68 -8.33
N TYR A 248 -23.90 12.02 -9.01
CA TYR A 248 -23.52 10.81 -9.73
C TYR A 248 -23.01 10.97 -11.15
N MET A 249 -21.83 10.40 -11.38
CA MET A 249 -21.19 10.44 -12.67
C MET A 249 -22.00 9.69 -13.71
N ASN A 250 -22.54 8.53 -13.30
CA ASN A 250 -23.31 7.68 -14.20
C ASN A 250 -24.69 8.21 -14.56
N THR A 251 -25.21 9.13 -13.75
CA THR A 251 -26.52 9.73 -13.98
C THR A 251 -26.61 10.92 -13.05
N GLY A 252 -26.30 12.11 -13.54
CA GLY A 252 -26.27 13.27 -12.68
C GLY A 252 -27.58 13.59 -11.97
N THR A 253 -27.67 13.22 -10.69
CA THR A 253 -28.80 13.54 -9.82
C THR A 253 -28.24 13.80 -8.43
N ILE A 254 -28.88 14.64 -7.65
CA ILE A 254 -28.31 14.91 -6.34
C ILE A 254 -29.03 14.08 -5.28
N CYS A 255 -28.24 13.47 -4.42
CA CYS A 255 -28.78 12.66 -3.34
C CYS A 255 -29.32 13.54 -2.23
N PRO A 256 -30.36 13.06 -1.52
CA PRO A 256 -30.98 13.80 -0.43
C PRO A 256 -30.23 13.55 0.86
N LEU A 257 -29.46 14.53 1.32
CA LEU A 257 -28.68 14.38 2.54
C LEU A 257 -29.48 14.73 3.79
N PRO A 258 -30.27 15.80 3.73
CA PRO A 258 -31.07 16.28 4.85
C PRO A 258 -31.89 15.16 5.51
N GLU A 259 -32.57 14.35 4.72
CA GLU A 259 -33.38 13.27 5.27
C GLU A 259 -32.63 11.95 5.36
N LEU A 260 -31.33 11.99 5.12
CA LEU A 260 -30.51 10.78 5.21
C LEU A 260 -29.55 10.90 6.36
N VAL A 261 -29.33 12.13 6.84
CA VAL A 261 -28.43 12.32 7.96
C VAL A 261 -29.16 12.12 9.28
N LYS A 262 -30.41 12.55 9.37
CA LYS A 262 -31.19 12.36 10.59
C LYS A 262 -31.51 10.90 10.81
N LEU A 263 -31.41 10.10 9.76
CA LEU A 263 -31.47 8.65 9.83
C LEU A 263 -30.15 8.03 10.28
N LYS A 264 -29.10 8.84 10.36
CA LYS A 264 -27.81 8.35 10.82
C LYS A 264 -27.82 8.29 12.34
N TYR A 265 -28.56 9.18 12.97
CA TYR A 265 -28.62 9.21 14.42
C TYR A 265 -29.65 8.24 14.98
N LYS A 266 -30.52 7.72 14.12
CA LYS A 266 -31.50 6.74 14.52
C LYS A 266 -30.69 5.45 14.70
N TYR A 267 -30.34 4.83 13.58
CA TYR A 267 -29.51 3.64 13.61
C TYR A 267 -28.06 4.12 13.72
N LYS A 268 -27.19 3.31 14.32
CA LYS A 268 -25.81 3.72 14.48
C LYS A 268 -24.96 3.38 13.25
N ALA A 269 -25.17 4.13 12.18
CA ALA A 269 -24.45 3.93 10.93
C ALA A 269 -23.71 5.18 10.47
N ARG A 270 -22.48 5.00 10.00
CA ARG A 270 -21.67 6.12 9.53
C ARG A 270 -21.88 6.44 8.04
N ILE A 271 -21.47 7.63 7.65
CA ILE A 271 -21.61 8.14 6.29
C ILE A 271 -20.22 8.34 5.68
N PHE A 272 -20.06 7.93 4.43
CA PHE A 272 -18.81 8.10 3.71
C PHE A 272 -19.15 8.85 2.43
N LEU A 273 -19.17 10.17 2.49
CA LEU A 273 -19.50 10.96 1.32
C LEU A 273 -18.37 10.90 0.32
N GLU A 274 -18.70 11.08 -0.96
CA GLU A 274 -17.67 11.00 -1.99
C GLU A 274 -18.05 11.99 -3.08
N GLU A 275 -17.59 13.23 -2.96
CA GLU A 275 -17.97 14.27 -3.90
C GLU A 275 -16.82 14.58 -4.86
N SER A 276 -16.57 13.67 -5.79
CA SER A 276 -15.50 13.91 -6.75
C SER A 276 -16.01 14.69 -7.95
N LEU A 277 -17.30 15.00 -7.96
CA LEU A 277 -17.89 15.72 -9.09
C LEU A 277 -18.74 16.93 -8.70
N SER A 278 -18.81 17.25 -7.42
CA SER A 278 -19.59 18.39 -6.98
C SER A 278 -18.76 19.31 -6.09
N PHE A 279 -17.51 18.92 -5.85
CA PHE A 279 -16.58 19.66 -5.01
C PHE A 279 -16.54 21.16 -5.35
N GLY A 280 -16.12 21.49 -6.56
CA GLY A 280 -16.05 22.87 -6.97
C GLY A 280 -17.17 23.23 -7.93
N VAL A 281 -18.38 22.80 -7.64
CA VAL A 281 -19.51 23.11 -8.50
C VAL A 281 -20.72 23.60 -7.69
N LEU A 282 -21.24 22.74 -6.83
CA LEU A 282 -22.40 23.08 -6.02
C LEU A 282 -22.05 23.87 -4.78
N GLY A 283 -22.85 24.89 -4.47
CA GLY A 283 -22.63 25.72 -3.31
C GLY A 283 -22.33 27.16 -3.69
N GLU A 284 -22.56 28.06 -2.76
CA GLU A 284 -22.30 29.47 -3.01
C GLU A 284 -20.80 29.69 -3.07
N HIS A 285 -20.07 28.94 -2.26
CA HIS A 285 -18.61 29.06 -2.22
C HIS A 285 -17.96 27.81 -2.77
N GLY A 286 -18.74 26.99 -3.46
CA GLY A 286 -18.23 25.77 -4.05
C GLY A 286 -17.49 24.89 -3.06
N ARG A 287 -18.20 24.41 -2.06
CA ARG A 287 -17.61 23.56 -1.03
C ARG A 287 -18.26 22.19 -1.06
N GLY A 288 -18.79 21.84 -2.23
CA GLY A 288 -19.49 20.58 -2.43
C GLY A 288 -21.00 20.64 -2.20
N VAL A 289 -21.55 19.51 -1.80
CA VAL A 289 -23.00 19.37 -1.65
C VAL A 289 -23.45 19.74 -0.24
N THR A 290 -22.54 19.77 0.73
CA THR A 290 -22.92 20.03 2.10
C THR A 290 -23.27 21.50 2.31
N GLU A 291 -22.73 22.34 1.44
CA GLU A 291 -23.01 23.77 1.46
C GLU A 291 -24.32 24.03 0.70
N HIS A 292 -24.70 23.10 -0.17
CA HIS A 292 -25.91 23.24 -0.97
C HIS A 292 -27.15 22.96 -0.15
N TYR A 293 -27.07 21.97 0.72
CA TYR A 293 -28.20 21.60 1.58
C TYR A 293 -28.12 22.30 2.91
N GLY A 294 -26.91 22.71 3.30
CA GLY A 294 -26.70 23.39 4.57
C GLY A 294 -26.61 22.40 5.70
N ILE A 295 -25.49 21.68 5.76
CA ILE A 295 -25.29 20.68 6.79
C ILE A 295 -23.91 20.82 7.44
N ASN A 296 -23.87 20.76 8.77
CA ASN A 296 -22.62 20.86 9.48
C ASN A 296 -21.68 19.76 9.03
N ILE A 297 -20.40 20.08 8.80
CA ILE A 297 -19.44 19.09 8.34
C ILE A 297 -19.01 18.00 9.34
N ASP A 298 -19.36 18.16 10.62
CA ASP A 298 -19.02 17.17 11.62
C ASP A 298 -19.93 15.96 11.52
N ASP A 299 -21.12 16.15 10.96
CA ASP A 299 -22.08 15.06 10.81
C ASP A 299 -21.53 13.98 9.87
N ILE A 300 -20.84 14.39 8.81
CA ILE A 300 -20.26 13.47 7.86
C ILE A 300 -18.91 12.99 8.37
N ASP A 301 -18.63 11.70 8.21
CA ASP A 301 -17.38 11.12 8.68
C ASP A 301 -16.17 11.27 7.75
N LEU A 302 -16.39 11.16 6.45
CA LEU A 302 -15.29 11.24 5.50
C LEU A 302 -15.80 11.79 4.19
N ILE A 303 -15.02 12.68 3.59
CA ILE A 303 -15.29 13.28 2.29
C ILE A 303 -14.03 13.13 1.45
N SER A 304 -14.17 12.58 0.25
CA SER A 304 -13.01 12.36 -0.61
C SER A 304 -13.33 12.81 -2.02
N ALA A 305 -12.50 13.67 -2.57
CA ALA A 305 -12.67 14.13 -3.94
C ALA A 305 -11.46 13.74 -4.74
N ASN A 306 -11.35 14.30 -5.94
CA ASN A 306 -10.11 14.25 -6.68
C ASN A 306 -9.79 15.64 -7.24
N MET A 307 -8.50 15.91 -7.36
CA MET A 307 -8.04 17.20 -7.86
C MET A 307 -7.81 17.14 -9.36
N GLU A 308 -8.77 16.62 -10.11
CA GLU A 308 -8.62 16.42 -11.54
C GLU A 308 -9.72 17.08 -12.35
N ASN A 309 -10.87 17.38 -11.75
CA ASN A 309 -11.98 17.93 -12.48
C ASN A 309 -12.05 19.45 -12.36
N ALA A 310 -12.33 19.96 -11.17
CA ALA A 310 -12.44 21.39 -10.97
C ALA A 310 -11.09 22.08 -10.78
N LEU A 311 -10.14 21.36 -10.16
CA LEU A 311 -8.82 21.92 -9.92
C LEU A 311 -7.91 21.80 -11.13
N ALA A 312 -8.33 20.99 -12.11
CA ALA A 312 -7.58 20.77 -13.33
C ALA A 312 -6.12 20.43 -13.07
N SER A 313 -5.88 19.29 -12.44
CA SER A 313 -4.54 18.83 -12.15
C SER A 313 -4.59 17.33 -11.88
N ILE A 314 -3.53 16.79 -11.28
CA ILE A 314 -3.49 15.36 -10.99
C ILE A 314 -3.42 15.10 -9.49
N GLY A 315 -4.23 14.16 -9.02
CA GLY A 315 -4.23 13.81 -7.61
C GLY A 315 -5.63 13.71 -7.06
N GLY A 316 -5.68 13.41 -5.77
CA GLY A 316 -6.95 13.32 -5.07
C GLY A 316 -6.69 13.55 -3.60
N PHE A 317 -7.71 14.03 -2.91
CA PHE A 317 -7.57 14.27 -1.49
C PHE A 317 -8.68 13.57 -0.72
N CYS A 318 -8.68 13.76 0.58
CA CYS A 318 -9.65 13.11 1.46
C CYS A 318 -9.62 13.85 2.78
N CYS A 319 -10.65 14.62 3.08
CA CYS A 319 -10.62 15.47 4.26
C CYS A 319 -11.67 15.02 5.26
N GLY A 320 -11.36 15.17 6.53
CA GLY A 320 -12.29 14.82 7.58
C GLY A 320 -11.86 15.41 8.88
N ARG A 321 -12.10 14.64 9.93
CA ARG A 321 -11.72 14.95 11.31
C ARG A 321 -10.38 14.28 11.57
N SER A 322 -9.67 14.68 12.61
CA SER A 322 -8.35 14.08 12.81
C SER A 322 -8.39 12.71 13.46
N PHE A 323 -9.54 12.29 13.95
CA PHE A 323 -9.66 10.99 14.57
C PHE A 323 -9.72 9.89 13.51
N VAL A 324 -10.09 10.25 12.28
CA VAL A 324 -10.22 9.27 11.21
C VAL A 324 -9.14 9.44 10.14
N ILE A 325 -8.65 10.66 9.92
CA ILE A 325 -7.69 10.88 8.86
C ILE A 325 -6.31 10.36 9.24
N ASP A 326 -5.95 10.41 10.52
CA ASP A 326 -4.64 9.95 10.99
C ASP A 326 -4.45 8.45 10.90
N HIS A 327 -5.46 7.68 10.53
CA HIS A 327 -5.31 6.25 10.40
C HIS A 327 -4.89 5.83 9.00
N GLN A 328 -5.17 6.67 8.02
CA GLN A 328 -4.82 6.36 6.65
C GLN A 328 -3.35 6.61 6.34
N ARG A 329 -2.61 7.20 7.26
CA ARG A 329 -1.22 7.48 6.95
C ARG A 329 -0.36 6.25 7.11
N LEU A 330 -0.82 5.26 7.86
CA LEU A 330 -0.08 4.02 8.04
C LEU A 330 -0.75 2.83 7.38
N SER A 331 -2.05 2.93 7.14
CA SER A 331 -2.79 1.82 6.53
C SER A 331 -3.33 2.15 5.14
N GLY A 332 -3.13 3.39 4.69
CA GLY A 332 -3.59 3.78 3.38
C GLY A 332 -2.72 3.09 2.35
N GLN A 333 -3.29 2.14 1.63
CA GLN A 333 -2.55 1.39 0.63
C GLN A 333 -1.79 2.24 -0.38
N GLY A 334 -2.49 3.09 -1.11
CA GLY A 334 -1.86 3.93 -2.12
C GLY A 334 -1.13 5.14 -1.58
N TYR A 335 -1.09 5.28 -0.28
CA TYR A 335 -0.41 6.39 0.36
C TYR A 335 1.03 6.03 0.70
N CYS A 336 1.21 4.95 1.43
CA CYS A 336 2.53 4.62 1.93
C CYS A 336 3.34 3.80 0.93
N PHE A 337 2.74 2.85 0.23
CA PHE A 337 3.53 2.07 -0.73
C PHE A 337 3.50 2.68 -2.13
N SER A 338 3.78 3.97 -2.24
CA SER A 338 3.72 4.67 -3.51
C SER A 338 4.43 5.99 -3.39
N ALA A 339 5.07 6.41 -4.48
CA ALA A 339 5.73 7.71 -4.49
C ALA A 339 4.69 8.82 -4.47
N SER A 340 5.07 9.92 -3.86
CA SER A 340 4.12 10.99 -3.58
C SER A 340 3.85 11.83 -4.82
N LEU A 341 3.01 12.83 -4.66
CA LEU A 341 2.61 13.67 -5.77
C LEU A 341 3.74 14.62 -6.15
N PRO A 342 4.02 14.80 -7.45
CA PRO A 342 5.15 15.64 -7.84
C PRO A 342 4.90 17.08 -7.52
N PRO A 343 5.95 17.85 -7.20
CA PRO A 343 5.76 19.18 -6.63
C PRO A 343 5.43 20.28 -7.63
N LEU A 344 5.39 20.01 -8.93
CA LEU A 344 4.87 21.01 -9.85
C LEU A 344 3.37 20.87 -10.03
N LEU A 345 2.81 19.74 -9.61
CA LEU A 345 1.37 19.57 -9.58
C LEU A 345 0.75 20.05 -8.29
N ALA A 346 1.53 20.16 -7.22
CA ALA A 346 1.03 20.67 -5.96
C ALA A 346 1.07 22.18 -5.89
N ALA A 347 1.90 22.83 -6.71
CA ALA A 347 1.86 24.29 -6.77
C ALA A 347 0.81 24.80 -7.73
N ALA A 348 0.38 23.98 -8.68
CA ALA A 348 -0.75 24.36 -9.52
C ALA A 348 -2.07 24.16 -8.80
N ALA A 349 -2.11 23.34 -7.75
CA ALA A 349 -3.32 23.14 -6.99
C ALA A 349 -3.52 24.16 -5.90
N ILE A 350 -2.45 24.82 -5.43
CA ILE A 350 -2.61 25.90 -4.48
C ILE A 350 -3.09 27.15 -5.17
N GLU A 351 -2.53 27.45 -6.35
CA GLU A 351 -2.91 28.67 -7.05
C GLU A 351 -4.31 28.57 -7.62
N ALA A 352 -4.71 27.37 -8.05
CA ALA A 352 -6.09 27.17 -8.53
C ALA A 352 -7.08 27.29 -7.39
N LEU A 353 -6.66 26.98 -6.17
CA LEU A 353 -7.52 27.08 -5.00
C LEU A 353 -7.59 28.49 -4.46
N ASN A 354 -6.65 29.30 -4.94
CA ASN A 354 -6.49 30.72 -4.67
C ASN A 354 -7.57 31.43 -5.45
N ILE A 355 -7.57 31.20 -6.75
CA ILE A 355 -8.51 31.81 -7.70
C ILE A 355 -9.98 31.59 -7.34
N MET A 356 -10.30 30.41 -6.86
CA MET A 356 -11.67 30.09 -6.46
C MET A 356 -12.18 31.12 -5.44
N GLU A 357 -11.39 31.36 -4.41
CA GLU A 357 -11.77 32.30 -3.35
C GLU A 357 -11.65 33.78 -3.70
N GLU A 358 -10.76 34.12 -4.63
CA GLU A 358 -10.60 35.52 -5.02
C GLU A 358 -11.95 36.04 -5.52
N ASN A 359 -12.54 35.29 -6.43
CA ASN A 359 -13.86 35.64 -6.96
C ASN A 359 -14.72 34.39 -6.89
N PRO A 360 -15.64 34.33 -5.92
CA PRO A 360 -16.53 33.19 -5.71
C PRO A 360 -17.86 33.36 -6.44
N GLY A 361 -17.94 34.34 -7.32
CA GLY A 361 -19.14 34.59 -8.09
C GLY A 361 -19.13 33.82 -9.40
N ILE A 362 -18.04 33.11 -9.66
CA ILE A 362 -17.92 32.33 -10.88
C ILE A 362 -18.85 31.13 -10.80
N PHE A 363 -19.01 30.58 -9.61
CA PHE A 363 -19.89 29.44 -9.43
C PHE A 363 -21.29 29.80 -9.87
N ALA A 364 -21.65 31.08 -9.81
CA ALA A 364 -22.95 31.52 -10.26
C ALA A 364 -23.08 31.51 -11.78
N VAL A 365 -21.98 31.74 -12.49
CA VAL A 365 -22.03 31.73 -13.95
C VAL A 365 -21.66 30.35 -14.46
N LEU A 366 -21.58 29.38 -13.55
CA LEU A 366 -21.58 27.98 -13.90
C LEU A 366 -22.94 27.34 -13.68
N LYS A 367 -23.74 27.89 -12.78
CA LYS A 367 -25.06 27.33 -12.52
C LYS A 367 -26.08 27.85 -13.52
N GLU A 368 -26.00 29.13 -13.88
CA GLU A 368 -26.86 29.67 -14.92
C GLU A 368 -26.50 29.10 -16.29
N LYS A 369 -25.24 28.75 -16.50
CA LYS A 369 -24.83 28.18 -17.78
C LYS A 369 -25.46 26.81 -18.02
N CYS A 370 -25.42 25.97 -17.00
CA CYS A 370 -25.95 24.61 -17.09
C CYS A 370 -27.45 24.54 -16.89
N GLY A 371 -28.13 25.67 -16.95
CA GLY A 371 -29.56 25.67 -16.82
C GLY A 371 -30.24 25.89 -18.14
N GLN A 372 -29.59 26.64 -19.03
CA GLN A 372 -30.19 26.99 -20.31
C GLN A 372 -29.82 26.04 -21.43
N ILE A 373 -28.84 25.16 -21.24
CA ILE A 373 -28.63 24.06 -22.16
C ILE A 373 -29.50 22.87 -21.75
N HIS A 374 -29.93 22.81 -20.49
CA HIS A 374 -30.85 21.76 -20.10
C HIS A 374 -32.26 22.05 -20.58
N LYS A 375 -32.57 23.32 -20.82
CA LYS A 375 -33.88 23.69 -21.32
C LYS A 375 -33.95 23.55 -22.84
N ALA A 376 -32.82 23.75 -23.50
CA ALA A 376 -32.75 23.64 -24.96
C ALA A 376 -33.11 22.24 -25.44
N LEU A 377 -32.25 21.27 -25.18
CA LEU A 377 -32.48 19.90 -25.61
C LEU A 377 -33.68 19.28 -24.90
N GLN A 378 -34.87 19.49 -25.45
CA GLN A 378 -36.08 18.93 -24.86
C GLN A 378 -37.03 18.41 -25.94
N GLY A 379 -36.98 19.02 -27.12
CA GLY A 379 -37.83 18.61 -28.22
C GLY A 379 -37.20 17.52 -29.06
N ILE A 380 -35.96 17.18 -28.75
CA ILE A 380 -35.23 16.15 -29.46
C ILE A 380 -36.02 14.85 -29.54
N SER A 381 -36.31 14.42 -30.76
CA SER A 381 -37.08 13.19 -31.00
C SER A 381 -36.15 12.01 -31.18
N GLY A 382 -36.28 11.01 -30.35
CA GLY A 382 -35.43 9.83 -30.44
C GLY A 382 -34.60 9.59 -29.20
N LEU A 383 -34.26 10.65 -28.47
CA LEU A 383 -33.46 10.49 -27.27
C LEU A 383 -33.74 11.60 -26.28
N LYS A 384 -33.54 11.29 -25.01
CA LYS A 384 -34.01 12.06 -23.87
C LYS A 384 -32.81 12.64 -23.13
N VAL A 385 -33.10 13.41 -22.09
CA VAL A 385 -32.08 14.06 -21.28
C VAL A 385 -32.24 13.59 -19.84
N VAL A 386 -31.17 13.07 -19.27
CA VAL A 386 -31.17 12.41 -17.97
C VAL A 386 -30.34 13.26 -17.03
N GLY A 387 -30.98 13.97 -16.10
CA GLY A 387 -30.21 14.77 -15.16
C GLY A 387 -30.94 15.92 -14.54
N GLU A 388 -30.31 16.53 -13.53
CA GLU A 388 -30.88 17.67 -12.82
C GLU A 388 -30.54 18.95 -13.55
N SER A 389 -31.06 20.07 -13.06
CA SER A 389 -30.81 21.36 -13.68
C SER A 389 -29.61 22.06 -13.07
N LEU A 390 -28.99 21.40 -12.08
CA LEU A 390 -27.82 21.95 -11.41
C LEU A 390 -26.58 21.18 -11.83
N SER A 391 -26.78 19.91 -12.13
CA SER A 391 -25.68 19.04 -12.55
C SER A 391 -25.21 19.42 -13.93
N PRO A 392 -23.91 19.66 -14.07
CA PRO A 392 -23.23 20.04 -15.31
C PRO A 392 -22.78 18.85 -16.15
N ALA A 393 -23.33 17.67 -15.93
CA ALA A 393 -22.90 16.52 -16.69
C ALA A 393 -24.03 15.54 -16.92
N PHE A 394 -25.09 16.01 -17.58
CA PHE A 394 -26.21 15.14 -17.86
C PHE A 394 -25.89 14.22 -19.01
N HIS A 395 -26.60 13.10 -19.09
CA HIS A 395 -26.38 12.13 -20.15
C HIS A 395 -27.48 12.27 -21.19
N LEU A 396 -27.14 11.99 -22.45
CA LEU A 396 -28.12 12.06 -23.52
C LEU A 396 -28.49 10.63 -23.87
N GLN A 397 -29.16 9.96 -22.94
CA GLN A 397 -29.56 8.57 -23.13
C GLN A 397 -30.48 8.37 -24.33
N LEU A 398 -30.46 7.15 -24.89
CA LEU A 398 -31.33 6.83 -26.02
C LEU A 398 -32.77 6.53 -25.57
N GLU A 399 -33.74 7.23 -26.16
CA GLU A 399 -35.16 7.11 -25.79
C GLU A 399 -35.89 5.78 -25.97
N GLU A 400 -35.70 5.11 -27.10
CA GLU A 400 -36.38 3.83 -27.36
C GLU A 400 -35.31 2.87 -27.87
N SER A 401 -34.99 1.86 -27.07
CA SER A 401 -33.89 0.98 -27.44
C SER A 401 -34.34 -0.11 -28.42
N THR A 402 -33.38 -0.69 -29.13
CA THR A 402 -33.68 -1.73 -30.10
C THR A 402 -33.82 -3.08 -29.42
N GLY A 403 -32.82 -3.44 -28.63
CA GLY A 403 -32.84 -4.71 -27.93
C GLY A 403 -31.48 -5.37 -27.97
N SER A 404 -30.44 -4.54 -28.13
CA SER A 404 -29.08 -5.05 -28.19
C SER A 404 -28.12 -3.94 -27.81
N ARG A 405 -27.14 -4.26 -26.97
CA ARG A 405 -26.17 -3.25 -26.56
C ARG A 405 -25.22 -2.94 -27.71
N GLU A 406 -24.82 -3.96 -28.45
CA GLU A 406 -23.93 -3.75 -29.58
C GLU A 406 -24.59 -2.80 -30.56
N GLN A 407 -25.77 -3.19 -31.02
CA GLN A 407 -26.56 -2.42 -31.97
C GLN A 407 -26.84 -0.99 -31.51
N ASP A 408 -26.87 -0.78 -30.21
CA ASP A 408 -27.14 0.55 -29.66
C ASP A 408 -25.90 1.40 -29.60
N VAL A 409 -24.78 0.80 -29.19
CA VAL A 409 -23.52 1.52 -29.11
C VAL A 409 -23.19 2.13 -30.46
N ARG A 410 -23.26 1.31 -31.50
CA ARG A 410 -22.98 1.74 -32.87
C ARG A 410 -23.91 2.84 -33.36
N LEU A 411 -25.17 2.77 -32.94
CA LEU A 411 -26.16 3.78 -33.32
C LEU A 411 -25.80 5.13 -32.74
N LEU A 412 -25.35 5.14 -31.48
CA LEU A 412 -24.99 6.38 -30.81
C LEU A 412 -23.70 6.95 -31.38
N GLN A 413 -22.82 6.09 -31.85
CA GLN A 413 -21.56 6.52 -32.43
C GLN A 413 -21.80 7.31 -33.72
N GLU A 414 -22.79 6.88 -34.49
CA GLU A 414 -23.14 7.53 -35.74
C GLU A 414 -23.34 9.02 -35.55
N ILE A 415 -23.93 9.39 -34.43
CA ILE A 415 -24.21 10.79 -34.11
C ILE A 415 -22.94 11.49 -33.64
N VAL A 416 -22.15 10.80 -32.82
CA VAL A 416 -20.92 11.38 -32.27
C VAL A 416 -19.89 11.59 -33.36
N ASP A 417 -19.79 10.67 -34.31
CA ASP A 417 -18.86 10.82 -35.42
C ASP A 417 -19.28 11.92 -36.38
N GLN A 418 -20.59 12.15 -36.48
CA GLN A 418 -21.14 13.16 -37.38
C GLN A 418 -21.00 14.60 -36.90
N CYS A 419 -21.19 14.81 -35.60
CA CYS A 419 -21.11 16.15 -35.04
C CYS A 419 -19.69 16.70 -35.01
N MET A 420 -18.69 15.85 -35.18
CA MET A 420 -17.32 16.31 -35.21
C MET A 420 -17.09 17.11 -36.50
N ASN A 421 -17.86 16.81 -37.53
CA ASN A 421 -17.72 17.55 -38.77
C ASN A 421 -18.04 19.03 -38.53
N ARG A 422 -18.96 19.27 -37.61
CA ARG A 422 -19.37 20.62 -37.22
C ARG A 422 -18.54 21.18 -36.06
N SER A 423 -18.98 22.29 -35.48
CA SER A 423 -18.26 22.90 -34.37
C SER A 423 -18.16 22.01 -33.11
N ILE A 424 -19.22 21.27 -32.82
CA ILE A 424 -19.30 20.42 -31.63
C ILE A 424 -18.31 19.26 -31.55
N ALA A 425 -17.98 18.86 -30.33
CA ALA A 425 -17.09 17.74 -30.07
C ALA A 425 -17.65 17.13 -28.80
N LEU A 426 -17.97 15.84 -28.83
CA LEU A 426 -18.57 15.21 -27.66
C LEU A 426 -18.27 13.73 -27.72
N THR A 427 -18.35 13.07 -26.59
CA THR A 427 -18.01 11.66 -26.48
C THR A 427 -19.19 10.89 -25.91
N GLN A 428 -19.05 9.57 -25.89
CA GLN A 428 -20.04 8.74 -25.23
C GLN A 428 -19.39 8.02 -24.05
N ALA A 429 -20.21 7.67 -23.08
CA ALA A 429 -19.73 7.10 -21.84
C ALA A 429 -19.23 5.69 -22.05
N ARG A 430 -18.00 5.44 -21.60
CA ARG A 430 -17.35 4.15 -21.76
C ARG A 430 -17.48 3.34 -20.48
N TYR A 431 -17.78 2.06 -20.60
CA TYR A 431 -17.91 1.19 -19.44
C TYR A 431 -17.33 -0.19 -19.72
N LEU A 432 -16.93 -0.88 -18.66
CA LEU A 432 -16.47 -2.26 -18.77
C LEU A 432 -17.65 -3.17 -18.46
N GLU A 433 -18.29 -3.65 -19.51
CA GLU A 433 -19.48 -4.49 -19.37
C GLU A 433 -19.19 -5.82 -18.69
N LYS A 434 -18.02 -6.40 -18.91
CA LYS A 434 -17.71 -7.66 -18.23
C LYS A 434 -17.68 -7.44 -16.70
N GLU A 435 -16.88 -6.49 -16.25
CA GLU A 435 -16.72 -6.25 -14.81
C GLU A 435 -17.73 -5.39 -14.02
N GLU A 436 -18.50 -4.53 -14.68
CA GLU A 436 -19.45 -3.68 -13.95
C GLU A 436 -20.58 -4.41 -13.23
N LYS A 437 -20.83 -4.06 -11.97
CA LYS A 437 -21.89 -4.65 -11.15
C LYS A 437 -23.31 -4.36 -11.63
N CYS A 438 -23.54 -3.10 -12.01
CA CYS A 438 -24.82 -2.65 -12.51
C CYS A 438 -24.41 -1.84 -13.73
N LEU A 439 -24.87 -2.24 -14.90
CA LEU A 439 -24.39 -1.60 -16.11
C LEU A 439 -25.41 -0.57 -16.60
N PRO A 440 -25.00 0.68 -16.82
CA PRO A 440 -25.93 1.69 -17.26
C PRO A 440 -26.23 1.55 -18.75
N PRO A 441 -27.26 2.22 -19.26
CA PRO A 441 -27.53 2.21 -20.70
C PRO A 441 -26.50 3.04 -21.45
N PRO A 442 -26.38 2.87 -22.77
CA PRO A 442 -25.40 3.68 -23.52
C PRO A 442 -25.89 5.11 -23.68
N SER A 443 -24.96 6.07 -23.61
CA SER A 443 -25.35 7.46 -23.58
C SER A 443 -24.21 8.35 -24.02
N ILE A 444 -24.56 9.55 -24.50
CA ILE A 444 -23.63 10.64 -24.78
C ILE A 444 -23.49 11.48 -23.51
N ARG A 445 -22.27 11.91 -23.21
CA ARG A 445 -21.99 12.77 -22.07
C ARG A 445 -21.76 14.20 -22.55
N VAL A 446 -22.55 15.12 -22.02
CA VAL A 446 -22.47 16.53 -22.39
C VAL A 446 -22.05 17.37 -21.20
N VAL A 447 -20.81 17.86 -21.21
CA VAL A 447 -20.29 18.67 -20.13
C VAL A 447 -20.23 20.14 -20.52
N VAL A 448 -20.62 21.01 -19.59
CA VAL A 448 -20.61 22.44 -19.84
C VAL A 448 -19.68 23.15 -18.87
N THR A 449 -18.83 24.04 -19.38
CA THR A 449 -17.89 24.76 -18.53
C THR A 449 -18.29 26.23 -18.43
N VAL A 450 -17.38 27.05 -17.91
CA VAL A 450 -17.67 28.48 -17.76
C VAL A 450 -17.23 29.28 -18.98
N GLU A 451 -16.28 28.74 -19.73
CA GLU A 451 -15.75 29.41 -20.91
C GLU A 451 -16.54 29.05 -22.16
N GLN A 452 -17.86 29.01 -22.02
CA GLN A 452 -18.76 28.73 -23.12
C GLN A 452 -19.80 29.83 -23.07
N THR A 453 -19.98 30.54 -24.18
CA THR A 453 -20.94 31.62 -24.24
C THR A 453 -22.36 31.14 -24.50
N GLU A 454 -23.29 32.09 -24.64
CA GLU A 454 -24.68 31.76 -24.90
C GLU A 454 -24.86 31.49 -26.39
N GLU A 455 -23.95 32.03 -27.20
CA GLU A 455 -23.98 31.85 -28.63
C GLU A 455 -23.50 30.45 -29.02
N GLU A 456 -22.63 29.88 -28.19
CA GLU A 456 -22.10 28.55 -28.43
C GLU A 456 -22.85 27.46 -27.70
N LEU A 457 -23.91 27.80 -26.96
CA LEU A 457 -24.77 26.75 -26.39
C LEU A 457 -25.98 26.47 -27.28
N GLU A 458 -26.61 27.51 -27.82
CA GLU A 458 -27.73 27.29 -28.72
C GLU A 458 -27.28 26.71 -30.06
N ARG A 459 -26.01 26.94 -30.39
CA ARG A 459 -25.43 26.38 -31.60
C ARG A 459 -25.17 24.90 -31.37
N ALA A 460 -24.82 24.55 -30.14
CA ALA A 460 -24.59 23.16 -29.76
C ALA A 460 -25.87 22.37 -29.53
N ALA A 461 -26.98 23.05 -29.27
CA ALA A 461 -28.23 22.34 -29.06
C ALA A 461 -29.03 22.19 -30.35
N SER A 462 -28.96 23.19 -31.22
CA SER A 462 -29.65 23.09 -32.49
C SER A 462 -28.97 22.11 -33.43
N THR A 463 -27.64 22.01 -33.37
CA THR A 463 -26.92 21.07 -34.22
C THR A 463 -27.21 19.63 -33.83
N ILE A 464 -27.22 19.33 -32.53
CA ILE A 464 -27.46 17.97 -32.09
C ILE A 464 -28.93 17.60 -32.24
N LYS A 465 -29.79 18.59 -32.33
CA LYS A 465 -31.21 18.34 -32.49
C LYS A 465 -31.50 18.04 -33.95
N GLU A 466 -30.63 18.54 -34.83
CA GLU A 466 -30.79 18.34 -36.26
C GLU A 466 -30.29 16.98 -36.74
N VAL A 467 -29.17 16.52 -36.19
CA VAL A 467 -28.62 15.23 -36.61
C VAL A 467 -29.10 14.06 -35.76
N ALA A 468 -30.08 14.31 -34.89
CA ALA A 468 -30.63 13.25 -34.06
C ALA A 468 -31.79 12.60 -34.78
N GLN A 469 -32.38 13.32 -35.73
CA GLN A 469 -33.49 12.82 -36.51
C GLN A 469 -33.00 12.28 -37.86
N ALA A 470 -31.71 12.43 -38.11
CA ALA A 470 -31.10 11.97 -39.35
C ALA A 470 -30.42 10.63 -39.17
N VAL A 471 -30.47 10.10 -37.94
CA VAL A 471 -29.87 8.81 -37.65
C VAL A 471 -30.94 7.88 -37.09
N LEU A 472 -31.85 8.46 -36.32
CA LEU A 472 -32.95 7.72 -35.74
C LEU A 472 -34.20 7.81 -36.63
N ILE B 45 27.63 -20.63 -19.81
CA ILE B 45 28.91 -21.26 -20.11
C ILE B 45 29.83 -21.20 -18.89
N HIS B 46 29.26 -20.90 -17.74
CA HIS B 46 30.05 -20.71 -16.52
C HIS B 46 29.51 -21.56 -15.39
N HIS B 47 28.21 -21.80 -15.40
CA HIS B 47 27.53 -22.53 -14.33
C HIS B 47 26.18 -22.97 -14.88
N VAL B 48 25.98 -24.28 -15.01
CA VAL B 48 24.70 -24.83 -15.45
C VAL B 48 24.11 -25.64 -14.30
N THR B 49 22.78 -25.70 -14.26
CA THR B 49 22.08 -26.24 -13.11
C THR B 49 21.20 -27.42 -13.51
N GLN B 50 20.49 -27.96 -12.51
CA GLN B 50 19.61 -29.10 -12.70
C GLN B 50 18.35 -28.71 -13.46
N ASN B 51 18.24 -27.43 -13.80
CA ASN B 51 17.10 -26.94 -14.55
C ASN B 51 17.48 -26.80 -16.01
N GLY B 52 18.45 -25.93 -16.27
CA GLY B 52 18.93 -25.68 -17.62
C GLY B 52 19.44 -24.26 -17.73
N GLY B 53 19.05 -23.41 -16.79
CA GLY B 53 19.47 -22.03 -16.77
C GLY B 53 20.98 -21.91 -16.73
N LEU B 54 21.58 -21.60 -17.87
CA LEU B 54 23.03 -21.47 -17.94
C LEU B 54 23.46 -20.06 -17.61
N TYR B 55 24.25 -19.92 -16.55
CA TYR B 55 24.74 -18.63 -16.13
C TYR B 55 26.01 -18.29 -16.89
N LYS B 56 26.12 -17.03 -17.28
CA LYS B 56 27.25 -16.59 -18.11
C LYS B 56 28.29 -15.81 -17.32
N ARG B 57 27.94 -15.41 -16.11
CA ARG B 57 28.82 -14.67 -15.21
C ARG B 57 28.58 -15.20 -13.81
N PRO B 58 29.57 -15.08 -12.92
CA PRO B 58 29.36 -15.63 -11.57
C PRO B 58 28.26 -14.89 -10.81
N PHE B 59 27.51 -15.67 -10.05
CA PHE B 59 26.38 -15.17 -9.27
C PHE B 59 26.68 -15.18 -7.78
N ASN B 60 27.41 -14.17 -7.32
CA ASN B 60 27.75 -14.08 -5.91
C ASN B 60 26.65 -13.41 -5.12
N GLU B 61 26.14 -14.09 -4.10
CA GLU B 61 25.09 -13.55 -3.27
C GLU B 61 25.03 -14.34 -1.97
N ALA B 62 25.32 -13.69 -0.85
CA ALA B 62 25.31 -14.39 0.43
C ALA B 62 24.54 -13.66 1.54
N PHE B 63 23.58 -14.38 2.13
CA PHE B 63 22.78 -13.84 3.22
C PHE B 63 23.29 -14.46 4.52
N GLU B 64 23.94 -13.65 5.35
CA GLU B 64 24.49 -14.16 6.60
C GLU B 64 23.44 -14.50 7.63
N GLU B 65 23.62 -15.64 8.29
CA GLU B 65 22.70 -16.10 9.32
C GLU B 65 22.93 -15.31 10.60
N THR B 66 21.86 -14.71 11.12
CA THR B 66 21.95 -13.91 12.33
C THR B 66 22.56 -14.70 13.47
N PRO B 67 23.53 -14.10 14.19
CA PRO B 67 24.16 -14.79 15.32
C PRO B 67 23.13 -15.07 16.39
N MET B 68 23.30 -16.20 17.08
CA MET B 68 22.37 -16.64 18.13
C MET B 68 22.40 -15.86 19.44
N LEU B 69 23.40 -15.02 19.63
CA LEU B 69 23.54 -14.24 20.85
C LEU B 69 22.64 -13.02 20.71
N VAL B 70 22.73 -12.35 19.57
CA VAL B 70 21.90 -11.20 19.28
C VAL B 70 20.44 -11.60 19.27
N ALA B 71 20.15 -12.80 18.75
CA ALA B 71 18.80 -13.27 18.54
C ALA B 71 18.02 -13.48 19.83
N VAL B 72 18.69 -13.58 20.97
CA VAL B 72 17.98 -13.67 22.24
C VAL B 72 17.61 -12.28 22.74
N LEU B 73 18.57 -11.38 22.67
CA LEU B 73 18.38 -10.00 23.10
C LEU B 73 17.25 -9.27 22.38
N THR B 74 16.96 -9.66 21.14
CA THR B 74 15.88 -8.99 20.43
C THR B 74 14.57 -9.16 21.18
N TYR B 75 14.29 -10.39 21.56
CA TYR B 75 13.04 -10.71 22.25
C TYR B 75 12.88 -9.97 23.56
N VAL B 76 13.97 -9.83 24.29
CA VAL B 76 13.91 -9.04 25.52
C VAL B 76 13.52 -7.60 25.19
N GLY B 77 13.99 -7.09 24.04
CA GLY B 77 13.64 -5.72 23.66
C GLY B 77 12.20 -5.58 23.21
N TYR B 78 11.71 -6.55 22.45
CA TYR B 78 10.33 -6.51 22.00
C TYR B 78 9.38 -6.94 23.10
N GLY B 79 9.91 -7.65 24.09
CA GLY B 79 9.11 -8.11 25.20
C GLY B 79 8.88 -7.03 26.23
N VAL B 80 9.93 -6.27 26.54
CA VAL B 80 9.83 -5.18 27.52
C VAL B 80 8.91 -4.07 27.00
N LEU B 81 9.06 -3.69 25.74
CA LEU B 81 8.19 -2.68 25.14
C LEU B 81 6.74 -3.12 25.08
N THR B 82 6.52 -4.42 25.03
CA THR B 82 5.18 -4.96 25.02
C THR B 82 4.64 -4.93 26.44
N LEU B 83 5.55 -5.10 27.39
CA LEU B 83 5.21 -5.11 28.81
C LEU B 83 4.79 -3.73 29.31
N PHE B 84 5.47 -2.69 28.85
CA PHE B 84 5.17 -1.33 29.26
C PHE B 84 4.07 -0.74 28.39
N GLY B 85 3.77 -1.42 27.28
CA GLY B 85 2.74 -0.98 26.36
C GLY B 85 1.36 -1.21 26.93
N TYR B 86 1.23 -2.20 27.79
CA TYR B 86 -0.05 -2.50 28.42
C TYR B 86 -0.34 -1.43 29.45
N LEU B 87 0.68 -1.14 30.25
CA LEU B 87 0.59 -0.18 31.35
C LEU B 87 0.02 1.15 30.93
N ARG B 88 0.25 1.53 29.69
CA ARG B 88 -0.29 2.77 29.16
C ARG B 88 -1.77 2.57 28.78
N ASP B 89 -2.22 1.32 28.81
CA ASP B 89 -3.59 0.98 28.51
C ASP B 89 -4.35 0.84 29.82
N PHE B 90 -3.64 0.47 30.87
CA PHE B 90 -4.23 0.33 32.19
C PHE B 90 -4.29 1.70 32.86
N LEU B 91 -3.47 2.63 32.37
CA LEU B 91 -3.46 4.00 32.85
C LEU B 91 -4.33 4.88 31.94
N ARG B 92 -5.03 4.25 31.00
CA ARG B 92 -5.93 4.94 30.08
C ARG B 92 -7.39 4.74 30.55
N TYR B 93 -7.49 4.23 31.78
CA TYR B 93 -8.78 3.95 32.41
C TYR B 93 -9.20 5.20 33.17
N TRP B 94 -8.25 5.79 33.87
CA TRP B 94 -8.51 7.01 34.61
C TRP B 94 -8.89 8.16 33.67
N ARG B 95 -8.20 8.21 32.53
CA ARG B 95 -8.36 9.21 31.47
C ARG B 95 -8.06 10.65 31.88
N ILE B 96 -7.20 10.81 32.88
CA ILE B 96 -6.83 12.14 33.35
C ILE B 96 -6.09 12.91 32.26
N GLU B 97 -5.18 12.24 31.57
CA GLU B 97 -4.40 12.89 30.53
C GLU B 97 -4.35 12.14 29.20
N LYS B 98 -5.48 12.10 28.50
CA LYS B 98 -5.55 11.47 27.19
C LYS B 98 -5.31 12.49 26.08
N CYS B 99 -5.11 13.75 26.48
CA CYS B 99 -4.91 14.86 25.56
C CYS B 99 -3.99 14.61 24.39
N HIS B 100 -3.00 13.73 24.55
CA HIS B 100 -2.07 13.45 23.47
C HIS B 100 -2.76 13.04 22.18
N HIS B 101 -3.71 12.12 22.29
CA HIS B 101 -4.46 11.62 21.13
C HIS B 101 -5.80 12.33 21.00
N ALA B 102 -6.62 11.84 20.06
CA ALA B 102 -7.94 12.40 19.80
C ALA B 102 -9.06 11.51 20.31
N THR B 103 -10.31 11.98 20.19
CA THR B 103 -11.47 11.24 20.70
C THR B 103 -12.76 11.36 19.87
N GLU B 104 -13.74 10.49 20.10
CA GLU B 104 -15.01 10.58 19.35
C GLU B 104 -15.90 11.76 19.79
N ARG B 105 -17.00 12.02 19.09
CA ARG B 105 -17.83 13.18 19.50
C ARG B 105 -18.40 13.10 20.91
N GLU B 106 -18.75 11.88 21.34
CA GLU B 106 -19.32 11.52 22.65
C GLU B 106 -20.76 11.97 22.86
N GLU B 107 -21.03 13.27 22.79
CA GLU B 107 -22.39 13.76 22.89
C GLU B 107 -23.13 13.26 21.64
N GLN B 108 -22.46 13.44 20.51
CA GLN B 108 -22.92 12.94 19.24
C GLN B 108 -22.12 11.67 18.95
N LYS B 109 -22.57 10.89 17.96
CA LYS B 109 -21.90 9.64 17.58
C LYS B 109 -21.76 8.75 18.81
N ASP B 110 -20.55 8.29 19.08
CA ASP B 110 -20.27 7.42 20.24
C ASP B 110 -21.15 6.17 20.29
N PHE B 111 -21.31 5.52 19.14
CA PHE B 111 -22.11 4.29 19.09
C PHE B 111 -21.27 3.02 19.07
N VAL B 112 -20.37 2.87 18.12
CA VAL B 112 -19.55 1.66 18.06
C VAL B 112 -18.10 2.09 18.23
N SER B 113 -17.24 1.13 18.56
CA SER B 113 -15.85 1.42 18.84
C SER B 113 -15.07 2.03 17.69
N LEU B 114 -15.36 1.57 16.47
CA LEU B 114 -14.71 1.94 15.18
C LEU B 114 -13.32 1.29 15.00
N TYR B 115 -12.41 1.50 15.93
CA TYR B 115 -11.10 0.87 15.87
C TYR B 115 -11.07 -0.24 16.90
N GLN B 116 -10.29 -1.27 16.63
CA GLN B 116 -10.10 -2.40 17.51
C GLN B 116 -8.97 -1.98 18.43
N ASP B 117 -9.19 -2.09 19.74
CA ASP B 117 -8.17 -1.71 20.69
C ASP B 117 -6.87 -2.45 20.46
N PHE B 118 -6.94 -3.76 20.24
CA PHE B 118 -5.75 -4.55 20.02
C PHE B 118 -5.16 -4.40 18.62
N GLU B 119 -5.97 -4.00 17.63
CA GLU B 119 -5.46 -3.85 16.29
C GLU B 119 -4.30 -2.86 16.24
N ASN B 120 -4.58 -1.64 16.71
CA ASN B 120 -3.63 -0.53 16.72
C ASN B 120 -2.70 -0.42 17.93
N PHE B 121 -2.36 -1.55 18.52
CA PHE B 121 -1.52 -1.58 19.71
C PHE B 121 -0.05 -1.42 19.37
N TYR B 122 0.25 -1.34 18.08
CA TYR B 122 1.63 -1.22 17.64
C TYR B 122 1.95 0.17 17.12
N THR B 123 0.93 0.88 16.67
CA THR B 123 1.11 2.21 16.12
C THR B 123 0.98 3.31 17.17
N ARG B 124 0.81 2.91 18.43
CA ARG B 124 0.67 3.88 19.50
C ARG B 124 1.54 3.48 20.70
N ASN B 125 2.34 2.45 20.53
CA ASN B 125 3.20 1.99 21.62
C ASN B 125 4.66 1.82 21.18
N LEU B 126 4.87 1.15 20.06
CA LEU B 126 6.23 0.90 19.57
C LEU B 126 6.64 1.81 18.43
N TYR B 127 5.69 2.48 17.81
CA TYR B 127 5.99 3.35 16.68
C TYR B 127 6.03 4.81 17.09
N MET B 128 4.97 5.28 17.75
CA MET B 128 4.90 6.67 18.16
C MET B 128 6.07 7.08 19.05
N ARG B 129 6.82 6.12 19.57
CA ARG B 129 7.96 6.44 20.43
C ARG B 129 9.16 6.98 19.67
N ILE B 130 9.35 6.49 18.45
CA ILE B 130 10.49 6.88 17.62
C ILE B 130 10.03 7.43 16.28
N ARG B 131 8.81 7.94 16.24
CA ARG B 131 8.20 8.44 15.02
C ARG B 131 8.89 9.60 14.31
N ASP B 132 9.84 10.26 14.96
CA ASP B 132 10.53 11.39 14.33
C ASP B 132 11.57 10.99 13.29
N ASN B 133 11.64 9.73 12.87
CA ASN B 133 12.69 9.28 11.97
C ASN B 133 12.22 9.11 10.54
N TRP B 134 10.93 9.28 10.25
CA TRP B 134 10.46 9.00 8.90
C TRP B 134 10.03 10.24 8.14
N ASN B 135 9.02 10.96 8.60
CA ASN B 135 8.39 11.97 7.74
C ASN B 135 9.13 13.30 7.84
N ARG B 136 10.32 13.34 7.26
CA ARG B 136 11.17 14.51 7.35
C ARG B 136 10.97 15.37 6.12
N PRO B 137 10.45 16.58 6.24
CA PRO B 137 10.22 17.41 5.07
C PRO B 137 11.51 18.00 4.54
N ILE B 138 11.46 18.38 3.26
CA ILE B 138 12.63 18.76 2.48
C ILE B 138 12.39 20.15 1.89
N CYS B 139 13.41 21.00 1.90
CA CYS B 139 13.28 22.32 1.30
C CYS B 139 13.81 22.43 -0.13
N SER B 140 14.55 21.46 -0.64
CA SER B 140 15.21 21.66 -1.93
C SER B 140 15.06 20.50 -2.89
N VAL B 141 15.85 20.50 -3.96
CA VAL B 141 15.80 19.42 -4.94
C VAL B 141 16.56 18.21 -4.38
N PRO B 142 15.98 17.01 -4.48
CA PRO B 142 16.63 15.83 -3.93
C PRO B 142 17.69 15.25 -4.86
N GLY B 143 18.96 15.46 -4.53
CA GLY B 143 20.02 14.94 -5.37
C GLY B 143 21.40 15.05 -4.77
N ALA B 144 21.79 14.05 -3.99
CA ALA B 144 23.09 13.92 -3.30
C ALA B 144 23.47 14.89 -2.16
N ARG B 145 22.59 15.86 -1.87
CA ARG B 145 22.76 16.85 -0.82
C ARG B 145 21.43 17.55 -0.72
N VAL B 146 20.75 17.40 0.41
CA VAL B 146 19.43 17.99 0.57
C VAL B 146 19.22 18.80 1.85
N ASP B 147 18.28 19.74 1.79
CA ASP B 147 17.92 20.60 2.91
C ASP B 147 16.82 19.92 3.71
N ILE B 148 16.98 19.83 5.02
CA ILE B 148 15.98 19.22 5.89
C ILE B 148 15.44 20.29 6.82
N MET B 149 14.11 20.40 6.91
CA MET B 149 13.51 21.24 7.94
C MET B 149 13.74 20.61 9.31
N GLU B 150 14.17 21.43 10.27
CA GLU B 150 14.38 20.95 11.61
C GLU B 150 13.10 21.13 12.43
N ARG B 151 12.67 20.05 13.05
CA ARG B 151 11.48 20.07 13.87
C ARG B 151 11.80 19.46 15.24
N GLN B 152 10.86 19.59 16.16
CA GLN B 152 11.14 19.26 17.56
C GLN B 152 9.82 19.06 18.29
N SER B 153 9.78 18.02 19.12
CA SER B 153 8.57 17.65 19.85
C SER B 153 8.75 17.84 21.34
N HIS B 154 7.70 18.35 21.99
CA HIS B 154 7.68 18.51 23.44
C HIS B 154 6.79 17.48 24.13
N ASP B 155 5.98 16.75 23.37
CA ASP B 155 5.03 15.78 23.89
C ASP B 155 5.53 14.34 23.82
N TYR B 156 6.84 14.14 23.67
CA TYR B 156 7.46 12.84 23.42
C TYR B 156 6.88 12.20 22.16
N ASN B 157 6.98 12.97 21.06
CA ASN B 157 6.60 12.57 19.70
C ASN B 157 5.11 12.27 19.56
N TRP B 158 4.30 13.27 19.88
CA TRP B 158 2.89 13.25 19.55
C TRP B 158 2.44 14.47 18.77
N SER B 159 3.21 15.55 18.77
CA SER B 159 2.94 16.73 17.97
C SER B 159 4.25 17.49 17.81
N PHE B 160 4.47 18.06 16.64
CA PHE B 160 5.72 18.73 16.30
C PHE B 160 5.51 20.22 16.11
N LYS B 161 6.63 20.94 16.06
CA LYS B 161 6.66 22.33 15.65
C LYS B 161 7.89 22.51 14.76
N TYR B 162 7.83 23.47 13.85
CA TYR B 162 8.97 23.74 12.97
C TYR B 162 9.68 25.01 13.45
N THR B 163 10.86 24.83 14.03
CA THR B 163 11.63 25.96 14.56
C THR B 163 11.80 27.11 13.55
N GLY B 164 12.46 26.83 12.44
CA GLY B 164 12.66 27.86 11.43
C GLY B 164 13.99 27.72 10.72
N ASN B 165 14.93 27.03 11.35
CA ASN B 165 16.23 26.82 10.75
C ASN B 165 16.33 25.47 10.04
N ILE B 166 16.92 25.47 8.86
CA ILE B 166 17.06 24.25 8.08
C ILE B 166 18.52 23.81 8.08
N ILE B 167 18.77 22.52 7.88
CA ILE B 167 20.13 22.01 7.87
C ILE B 167 20.59 22.01 6.42
N LYS B 168 21.72 22.66 6.15
CA LYS B 168 22.06 22.99 4.78
C LYS B 168 22.61 21.83 3.96
N GLY B 169 23.75 21.27 4.34
CA GLY B 169 24.33 20.28 3.45
C GLY B 169 24.26 18.89 4.02
N VAL B 170 23.29 18.09 3.59
CA VAL B 170 23.05 16.76 4.15
C VAL B 170 23.16 15.75 3.03
N ILE B 171 24.18 14.90 3.10
CA ILE B 171 24.35 13.78 2.18
C ILE B 171 23.18 12.83 2.37
N ASN B 172 22.30 12.69 1.37
CA ASN B 172 21.18 11.78 1.56
C ASN B 172 21.38 10.50 0.79
N MET B 173 21.03 9.39 1.45
CA MET B 173 21.12 8.06 0.91
C MET B 173 19.79 7.33 1.09
N GLY B 174 18.71 8.08 0.99
CA GLY B 174 17.37 7.53 1.12
C GLY B 174 16.50 7.83 -0.09
N SER B 175 16.96 8.69 -0.98
CA SER B 175 16.25 8.98 -2.22
C SER B 175 16.73 8.05 -3.32
N TYR B 176 15.80 7.64 -4.18
CA TYR B 176 16.12 6.80 -5.32
C TYR B 176 16.56 7.75 -6.41
N ASN B 177 17.87 7.89 -6.60
CA ASN B 177 18.38 8.81 -7.59
C ASN B 177 19.43 8.14 -8.42
N TYR B 178 19.08 6.97 -8.95
CA TYR B 178 20.01 6.23 -9.80
C TYR B 178 20.22 7.06 -11.05
N LEU B 179 21.47 7.16 -11.47
CA LEU B 179 21.92 7.93 -12.65
C LEU B 179 21.77 9.46 -12.57
N GLY B 180 21.54 9.99 -11.37
CA GLY B 180 21.39 11.42 -11.14
C GLY B 180 20.58 12.21 -12.14
N PHE B 181 19.31 11.86 -12.29
CA PHE B 181 18.43 12.58 -13.21
C PHE B 181 17.47 13.44 -12.43
N ALA B 182 17.82 13.75 -11.19
CA ALA B 182 16.97 14.57 -10.33
C ALA B 182 17.60 15.91 -10.00
N ARG B 183 17.62 16.80 -10.98
CA ARG B 183 18.17 18.13 -10.81
C ARG B 183 17.17 19.18 -11.26
N ASN B 184 17.52 20.44 -11.09
CA ASN B 184 16.65 21.53 -11.49
C ASN B 184 17.29 22.37 -12.58
N THR B 185 18.49 21.98 -12.98
CA THR B 185 19.22 22.66 -14.05
C THR B 185 19.82 21.62 -14.98
N GLY B 186 19.21 21.40 -16.12
CA GLY B 186 19.71 20.44 -17.07
C GLY B 186 19.18 20.74 -18.45
N SER B 187 19.97 20.51 -19.48
CA SER B 187 19.51 20.81 -20.82
C SER B 187 18.29 19.95 -21.12
N CYS B 188 18.36 18.67 -20.80
CA CYS B 188 17.22 17.80 -21.03
C CYS B 188 16.05 18.22 -20.15
N GLN B 189 16.34 18.47 -18.89
CA GLN B 189 15.30 18.87 -17.95
C GLN B 189 14.66 20.25 -18.18
N GLU B 190 15.47 21.27 -18.44
CA GLU B 190 14.90 22.60 -18.65
C GLU B 190 14.09 22.77 -19.90
N ALA B 191 14.62 22.30 -21.02
CA ALA B 191 13.92 22.46 -22.29
C ALA B 191 12.63 21.66 -22.40
N ALA B 192 12.70 20.39 -22.03
CA ALA B 192 11.52 19.54 -22.14
C ALA B 192 10.39 19.96 -21.21
N ALA B 193 10.71 20.21 -19.96
CA ALA B 193 9.67 20.58 -19.02
C ALA B 193 9.00 21.91 -19.29
N LYS B 194 9.79 22.93 -19.60
CA LYS B 194 9.25 24.27 -19.84
C LYS B 194 8.33 24.42 -21.05
N VAL B 195 8.74 23.87 -22.18
CA VAL B 195 7.93 23.98 -23.39
C VAL B 195 6.63 23.24 -23.19
N LEU B 196 6.73 22.06 -22.60
CA LEU B 196 5.59 21.21 -22.30
C LEU B 196 4.66 21.86 -21.28
N GLU B 197 5.25 22.58 -20.32
CA GLU B 197 4.49 23.25 -19.26
C GLU B 197 3.50 24.25 -19.82
N GLU B 198 3.87 24.94 -20.89
CA GLU B 198 2.96 25.90 -21.52
C GLU B 198 1.79 25.14 -22.14
N TYR B 199 2.09 23.90 -22.57
CA TYR B 199 1.10 22.97 -23.13
C TYR B 199 -0.14 22.86 -22.26
N GLY B 200 -0.02 22.18 -21.13
CA GLY B 200 -1.12 22.05 -20.19
C GLY B 200 -0.66 21.75 -18.77
N ALA B 201 -1.37 22.29 -17.79
CA ALA B 201 -1.02 22.00 -16.40
C ALA B 201 -1.27 20.52 -16.12
N GLY B 202 -2.42 20.04 -16.58
CA GLY B 202 -2.84 18.66 -16.42
C GLY B 202 -3.94 18.32 -17.42
N VAL B 203 -4.19 17.05 -17.65
CA VAL B 203 -5.26 16.63 -18.55
C VAL B 203 -6.56 16.63 -17.77
N CYS B 204 -7.70 16.62 -18.46
CA CYS B 204 -8.96 16.62 -17.72
C CYS B 204 -9.92 15.58 -18.26
N SER B 205 -9.41 14.46 -18.75
CA SER B 205 -10.27 13.39 -19.24
C SER B 205 -9.50 12.08 -19.23
N THR B 206 -10.04 11.10 -19.95
CA THR B 206 -9.65 9.71 -19.90
C THR B 206 -9.23 9.27 -21.30
N ARG B 207 -8.30 8.30 -21.37
CA ARG B 207 -7.70 7.83 -22.62
C ARG B 207 -8.70 7.37 -23.67
N GLN B 208 -9.90 7.00 -23.26
CA GLN B 208 -10.91 6.64 -24.23
C GLN B 208 -11.88 7.77 -24.54
N GLU B 209 -11.70 8.97 -23.98
CA GLU B 209 -12.56 10.03 -24.48
C GLU B 209 -11.84 11.18 -25.19
N ILE B 210 -11.19 12.09 -24.45
CA ILE B 210 -10.33 13.10 -25.07
C ILE B 210 -9.07 13.15 -24.20
N GLY B 211 -8.77 12.06 -23.53
CA GLY B 211 -7.58 12.07 -22.72
C GLY B 211 -6.34 11.61 -23.43
N ASN B 212 -6.41 11.43 -24.73
CA ASN B 212 -5.29 10.92 -25.51
C ASN B 212 -4.67 12.08 -26.28
N LEU B 213 -3.56 12.61 -25.79
CA LEU B 213 -2.91 13.70 -26.49
C LEU B 213 -1.86 13.13 -27.44
N ASP B 214 -1.19 14.02 -28.19
CA ASP B 214 -0.15 13.55 -29.10
C ASP B 214 1.15 13.21 -28.37
N LYS B 215 1.29 13.61 -27.11
CA LYS B 215 2.46 13.24 -26.34
C LYS B 215 2.42 11.80 -25.88
N HIS B 216 1.24 11.19 -25.83
CA HIS B 216 1.13 9.85 -25.27
C HIS B 216 1.53 8.78 -26.27
N GLU B 217 1.44 9.06 -27.57
CA GLU B 217 1.84 8.04 -28.52
C GLU B 217 3.32 8.08 -28.86
N GLU B 218 3.93 9.25 -28.81
CA GLU B 218 5.37 9.29 -29.05
C GLU B 218 6.17 8.79 -27.86
N LEU B 219 5.55 8.66 -26.70
CA LEU B 219 6.19 7.93 -25.62
C LEU B 219 6.12 6.43 -25.87
N GLU B 220 4.92 5.94 -26.10
CA GLU B 220 4.68 4.52 -26.31
C GLU B 220 5.59 3.87 -27.34
N GLU B 221 5.83 4.55 -28.46
CA GLU B 221 6.71 3.98 -29.47
C GLU B 221 8.16 4.04 -29.03
N LEU B 222 8.50 4.98 -28.16
CA LEU B 222 9.86 5.12 -27.68
C LEU B 222 10.18 4.10 -26.60
N VAL B 223 9.23 3.78 -25.74
CA VAL B 223 9.41 2.75 -24.72
C VAL B 223 9.59 1.40 -25.38
N ALA B 224 8.90 1.17 -26.49
CA ALA B 224 8.97 -0.12 -27.16
C ALA B 224 10.34 -0.34 -27.79
N ARG B 225 10.95 0.72 -28.32
CA ARG B 225 12.29 0.61 -28.88
C ARG B 225 13.37 0.52 -27.82
N PHE B 226 13.09 1.01 -26.61
CA PHE B 226 14.05 0.95 -25.52
C PHE B 226 14.26 -0.49 -25.06
N LEU B 227 13.16 -1.15 -24.72
CA LEU B 227 13.22 -2.52 -24.23
C LEU B 227 13.52 -3.53 -25.31
N GLY B 228 12.82 -3.42 -26.44
CA GLY B 228 13.00 -4.33 -27.54
C GLY B 228 11.78 -5.22 -27.70
N VAL B 229 10.61 -4.66 -27.41
CA VAL B 229 9.37 -5.39 -27.52
C VAL B 229 8.55 -4.89 -28.70
N GLU B 230 7.34 -5.42 -28.86
CA GLU B 230 6.47 -5.00 -29.95
C GLU B 230 5.77 -3.69 -29.64
N ALA B 231 5.16 -3.59 -28.47
CA ALA B 231 4.46 -2.38 -28.07
C ALA B 231 4.53 -2.14 -26.57
N ALA B 232 3.93 -1.05 -26.10
CA ALA B 232 3.92 -0.73 -24.68
C ALA B 232 2.80 0.25 -24.40
N MET B 233 2.49 0.46 -23.13
CA MET B 233 1.38 1.33 -22.74
C MET B 233 1.68 1.98 -21.40
N ALA B 234 1.65 3.31 -21.36
CA ALA B 234 1.99 4.08 -20.17
C ALA B 234 0.75 4.40 -19.35
N TYR B 235 0.91 4.44 -18.02
CA TYR B 235 -0.24 4.54 -17.14
C TYR B 235 -0.33 5.82 -16.32
N GLY B 236 0.63 6.14 -15.49
CA GLY B 236 0.43 7.28 -14.63
C GLY B 236 0.57 7.03 -13.16
N MET B 237 0.74 5.76 -12.77
CA MET B 237 1.07 5.38 -11.40
C MET B 237 1.59 3.97 -11.47
N GLY B 238 2.74 3.71 -10.85
CA GLY B 238 3.24 2.35 -10.83
C GLY B 238 2.41 1.44 -9.93
N PHE B 239 1.85 1.99 -8.86
CA PHE B 239 1.00 1.22 -7.96
C PHE B 239 -0.31 0.84 -8.63
N ALA B 240 -0.78 1.62 -9.59
CA ALA B 240 -1.99 1.29 -10.32
C ALA B 240 -1.69 0.64 -11.65
N THR B 241 -0.43 0.46 -11.99
CA THR B 241 -0.08 -0.45 -13.08
C THR B 241 -0.37 -1.88 -12.68
N ASN B 242 0.02 -2.26 -11.46
CA ASN B 242 -0.07 -3.64 -11.02
C ASN B 242 -1.46 -3.99 -10.50
N SER B 243 -2.14 -3.07 -9.85
CA SER B 243 -3.41 -3.38 -9.23
C SER B 243 -4.59 -3.11 -10.14
N MET B 244 -4.34 -2.80 -11.40
CA MET B 244 -5.42 -2.64 -12.37
C MET B 244 -5.28 -3.48 -13.61
N ASN B 245 -4.09 -3.98 -13.92
CA ASN B 245 -3.93 -4.82 -15.08
C ASN B 245 -3.86 -6.31 -14.77
N ILE B 246 -3.47 -6.70 -13.56
CA ILE B 246 -3.53 -8.12 -13.19
C ILE B 246 -4.96 -8.67 -13.17
N PRO B 247 -5.97 -7.97 -12.62
CA PRO B 247 -7.34 -8.51 -12.75
C PRO B 247 -7.92 -8.42 -14.15
N ALA B 248 -7.21 -7.86 -15.11
CA ALA B 248 -7.62 -7.95 -16.50
C ALA B 248 -7.10 -9.19 -17.18
N LEU B 249 -5.95 -9.67 -16.70
CA LEU B 249 -5.26 -10.82 -17.29
C LEU B 249 -5.42 -12.18 -16.63
N VAL B 250 -6.02 -12.28 -15.45
CA VAL B 250 -6.07 -13.60 -14.84
C VAL B 250 -7.48 -14.14 -14.76
N GLY B 251 -8.34 -13.56 -13.93
CA GLY B 251 -9.68 -14.11 -13.85
C GLY B 251 -9.90 -15.18 -12.80
N LYS B 252 -10.87 -16.08 -13.02
CA LYS B 252 -11.41 -16.89 -11.94
C LYS B 252 -10.74 -18.26 -11.80
N GLY B 253 -10.79 -19.08 -12.84
CA GLY B 253 -10.30 -20.44 -12.70
C GLY B 253 -8.82 -20.62 -12.93
N CYS B 254 -8.02 -19.61 -12.59
CA CYS B 254 -6.60 -19.59 -12.89
C CYS B 254 -5.81 -19.58 -11.60
N LEU B 255 -4.50 -19.71 -11.73
CA LEU B 255 -3.61 -19.88 -10.59
C LEU B 255 -2.49 -18.87 -10.62
N ILE B 256 -2.22 -18.24 -9.49
CA ILE B 256 -1.18 -17.22 -9.39
C ILE B 256 -0.10 -17.74 -8.44
N LEU B 257 1.15 -17.74 -8.90
CA LEU B 257 2.30 -18.33 -8.23
C LEU B 257 3.18 -17.21 -7.70
N SER B 258 2.85 -16.66 -6.55
CA SER B 258 3.52 -15.44 -6.14
C SER B 258 4.67 -15.74 -5.19
N ASP B 259 5.66 -14.87 -5.21
CA ASP B 259 6.85 -14.99 -4.39
C ASP B 259 6.51 -14.61 -2.95
N GLU B 260 7.43 -14.90 -2.04
CA GLU B 260 7.16 -14.70 -0.62
C GLU B 260 7.11 -13.22 -0.27
N LEU B 261 8.05 -12.44 -0.79
CA LEU B 261 8.09 -11.02 -0.51
C LEU B 261 7.97 -10.26 -1.82
N ASN B 262 6.74 -9.98 -2.22
CA ASN B 262 6.44 -9.06 -3.30
C ASN B 262 6.15 -7.68 -2.76
N HIS B 263 5.97 -6.74 -3.68
CA HIS B 263 5.45 -5.44 -3.32
C HIS B 263 3.97 -5.55 -3.06
N ALA B 264 3.44 -4.59 -2.29
CA ALA B 264 2.04 -4.53 -1.91
C ALA B 264 1.08 -4.34 -3.07
N SER B 265 1.56 -3.92 -4.24
CA SER B 265 0.69 -3.76 -5.40
C SER B 265 0.42 -5.07 -6.11
N LEU B 266 1.45 -5.92 -6.21
CA LEU B 266 1.26 -7.25 -6.75
C LEU B 266 0.39 -8.09 -5.84
N VAL B 267 0.51 -7.89 -4.53
CA VAL B 267 -0.35 -8.61 -3.59
C VAL B 267 -1.78 -8.10 -3.67
N LEU B 268 -1.96 -6.79 -3.86
CA LEU B 268 -3.31 -6.24 -3.94
C LEU B 268 -3.98 -6.61 -5.25
N GLY B 269 -3.27 -6.46 -6.36
CA GLY B 269 -3.86 -6.77 -7.64
C GLY B 269 -4.14 -8.24 -7.85
N ALA B 270 -3.43 -9.11 -7.14
CA ALA B 270 -3.72 -10.53 -7.20
C ALA B 270 -4.95 -10.91 -6.42
N ARG B 271 -5.42 -10.02 -5.55
CA ARG B 271 -6.61 -10.27 -4.76
C ARG B 271 -7.86 -9.67 -5.37
N LEU B 272 -7.70 -8.69 -6.25
CA LEU B 272 -8.85 -8.08 -6.88
C LEU B 272 -9.37 -8.92 -8.04
N SER B 273 -8.64 -9.97 -8.40
CA SER B 273 -9.05 -10.85 -9.50
C SER B 273 -10.01 -11.96 -9.08
N GLY B 274 -9.52 -12.89 -8.26
CA GLY B 274 -10.35 -13.98 -7.80
C GLY B 274 -9.73 -15.33 -8.11
N ALA B 275 -8.42 -15.33 -8.32
CA ALA B 275 -7.71 -16.56 -8.62
C ALA B 275 -7.03 -17.08 -7.38
N THR B 276 -6.76 -18.39 -7.34
CA THR B 276 -6.10 -19.01 -6.22
C THR B 276 -4.68 -18.49 -6.16
N ILE B 277 -4.16 -18.23 -4.96
CA ILE B 277 -2.82 -17.71 -4.81
C ILE B 277 -2.02 -18.68 -3.94
N ARG B 278 -0.88 -19.14 -4.45
CA ARG B 278 0.00 -20.01 -3.69
C ARG B 278 1.38 -19.39 -3.68
N ILE B 279 2.02 -19.38 -2.51
CA ILE B 279 3.18 -18.55 -2.25
C ILE B 279 4.39 -19.44 -2.04
N PHE B 280 5.45 -19.21 -2.80
CA PHE B 280 6.67 -19.97 -2.65
C PHE B 280 7.73 -19.16 -1.93
N LYS B 281 8.82 -19.83 -1.57
CA LYS B 281 9.90 -19.20 -0.81
C LYS B 281 10.74 -18.26 -1.65
N HIS B 282 11.19 -17.18 -1.01
CA HIS B 282 11.99 -16.17 -1.69
C HIS B 282 13.18 -16.74 -2.43
N ASN B 283 13.20 -16.54 -3.74
CA ASN B 283 14.29 -17.01 -4.60
C ASN B 283 14.66 -18.46 -4.41
N ASN B 284 13.67 -19.33 -4.32
CA ASN B 284 13.92 -20.76 -4.15
C ASN B 284 13.40 -21.50 -5.35
N MET B 285 14.32 -21.99 -6.19
CA MET B 285 13.93 -22.72 -7.40
C MET B 285 13.44 -24.12 -7.10
N GLN B 286 13.81 -24.66 -5.96
CA GLN B 286 13.38 -26.00 -5.58
C GLN B 286 11.92 -25.94 -5.17
N SER B 287 11.58 -24.91 -4.41
CA SER B 287 10.21 -24.70 -3.95
C SER B 287 9.32 -24.04 -4.99
N LEU B 288 9.85 -23.69 -6.16
CA LEU B 288 9.01 -23.31 -7.28
C LEU B 288 8.74 -24.49 -8.19
N GLU B 289 9.72 -25.36 -8.36
CA GLU B 289 9.52 -26.54 -9.19
C GLU B 289 8.58 -27.52 -8.52
N LYS B 290 8.64 -27.63 -7.20
CA LYS B 290 7.73 -28.52 -6.47
C LYS B 290 6.31 -27.98 -6.49
N LEU B 291 6.17 -26.68 -6.28
CA LEU B 291 4.88 -26.04 -6.11
C LEU B 291 4.16 -25.88 -7.44
N LEU B 292 4.81 -26.19 -8.56
CA LEU B 292 4.29 -26.05 -9.91
C LEU B 292 4.02 -27.38 -10.60
N LYS B 293 4.78 -28.42 -10.31
CA LYS B 293 4.45 -29.77 -10.77
C LYS B 293 3.54 -30.49 -9.79
N ASP B 294 3.11 -29.81 -8.74
CA ASP B 294 2.03 -30.28 -7.89
C ASP B 294 0.73 -29.56 -8.21
N ALA B 295 0.78 -28.51 -9.02
CA ALA B 295 -0.40 -27.80 -9.44
C ALA B 295 -0.95 -28.30 -10.75
N ILE B 296 -0.22 -29.17 -11.45
CA ILE B 296 -0.70 -29.68 -12.72
C ILE B 296 -1.21 -31.10 -12.49
N VAL B 297 -0.52 -31.87 -11.66
CA VAL B 297 -0.95 -33.23 -11.42
C VAL B 297 -2.05 -33.33 -10.36
N TYR B 298 -2.69 -32.22 -10.03
CA TYR B 298 -3.75 -32.24 -9.02
C TYR B 298 -4.91 -31.32 -9.34
N GLY B 299 -4.79 -30.55 -10.41
CA GLY B 299 -5.84 -29.64 -10.83
C GLY B 299 -6.35 -28.69 -9.77
N GLN B 300 -7.65 -28.42 -9.77
CA GLN B 300 -8.26 -27.50 -8.82
C GLN B 300 -8.35 -28.04 -7.40
N PRO B 301 -8.67 -27.16 -6.44
CA PRO B 301 -8.74 -27.50 -5.02
C PRO B 301 -10.02 -28.16 -4.50
N ARG B 302 -11.10 -28.22 -5.27
CA ARG B 302 -12.30 -28.86 -4.77
C ARG B 302 -12.78 -29.96 -5.68
N THR B 303 -12.69 -29.75 -6.99
CA THR B 303 -12.81 -30.77 -8.02
C THR B 303 -11.40 -31.32 -8.28
N ARG B 304 -11.20 -31.95 -9.42
CA ARG B 304 -9.84 -32.11 -9.92
C ARG B 304 -9.73 -31.54 -11.32
N ARG B 305 -10.54 -30.55 -11.63
CA ARG B 305 -10.55 -29.96 -12.96
C ARG B 305 -9.24 -29.21 -13.19
N PRO B 306 -8.65 -29.33 -14.38
CA PRO B 306 -7.39 -28.64 -14.65
C PRO B 306 -7.58 -27.14 -14.69
N TRP B 307 -6.47 -26.44 -14.52
CA TRP B 307 -6.52 -24.99 -14.42
C TRP B 307 -6.71 -24.39 -15.80
N LYS B 308 -6.90 -23.07 -15.84
CA LYS B 308 -6.98 -22.47 -17.17
C LYS B 308 -5.61 -22.05 -17.65
N LYS B 309 -4.85 -21.41 -16.76
CA LYS B 309 -3.52 -20.93 -17.09
C LYS B 309 -2.79 -20.75 -15.76
N ILE B 310 -1.47 -20.67 -15.82
CA ILE B 310 -0.64 -20.45 -14.65
C ILE B 310 0.32 -19.31 -14.95
N LEU B 311 0.31 -18.26 -14.10
CA LEU B 311 1.30 -17.20 -14.24
C LEU B 311 2.04 -16.95 -12.93
N ILE B 312 3.28 -16.50 -13.06
CA ILE B 312 4.27 -16.43 -11.99
C ILE B 312 4.62 -14.97 -11.76
N LEU B 313 4.40 -14.47 -10.55
CA LEU B 313 4.70 -13.07 -10.26
C LEU B 313 6.05 -12.91 -9.57
N VAL B 314 7.05 -12.46 -10.31
CA VAL B 314 8.37 -12.25 -9.74
C VAL B 314 8.70 -10.78 -9.74
N GLU B 315 9.95 -10.45 -9.41
CA GLU B 315 10.37 -9.06 -9.36
C GLU B 315 11.73 -8.86 -10.02
N GLY B 316 12.43 -7.82 -9.62
CA GLY B 316 13.72 -7.53 -10.21
C GLY B 316 14.80 -7.30 -9.20
N ILE B 317 14.80 -6.12 -8.59
CA ILE B 317 15.83 -5.81 -7.60
C ILE B 317 15.57 -6.09 -6.13
N TYR B 318 14.33 -6.40 -5.74
CA TYR B 318 14.03 -6.76 -4.34
C TYR B 318 14.62 -5.85 -3.26
N SER B 319 14.22 -4.59 -3.19
CA SER B 319 14.84 -3.64 -2.27
C SER B 319 14.87 -3.98 -0.78
N MET B 320 13.79 -4.52 -0.23
CA MET B 320 13.84 -4.84 1.19
C MET B 320 14.92 -5.88 1.49
N GLU B 321 15.35 -6.59 0.46
CA GLU B 321 16.39 -7.59 0.56
C GLU B 321 17.66 -7.19 -0.18
N GLY B 322 17.54 -6.96 -1.48
CA GLY B 322 18.68 -6.56 -2.27
C GLY B 322 19.16 -7.64 -3.21
N SER B 323 18.44 -8.75 -3.25
CA SER B 323 18.80 -9.86 -4.11
C SER B 323 18.19 -9.70 -5.49
N ILE B 324 18.67 -10.49 -6.44
CA ILE B 324 18.18 -10.43 -7.80
C ILE B 324 17.53 -11.76 -8.18
N VAL B 325 16.44 -11.69 -8.94
CA VAL B 325 15.71 -12.89 -9.35
C VAL B 325 16.54 -13.85 -10.21
N ARG B 326 16.55 -15.12 -9.84
CA ARG B 326 17.30 -16.14 -10.56
C ARG B 326 16.66 -16.40 -11.91
N LEU B 327 16.79 -15.42 -12.77
CA LEU B 327 15.98 -15.33 -13.98
C LEU B 327 16.30 -16.34 -15.08
N PRO B 328 17.53 -16.88 -15.26
CA PRO B 328 17.68 -18.01 -16.17
C PRO B 328 17.10 -19.31 -15.65
N GLU B 329 16.81 -19.42 -14.37
CA GLU B 329 16.20 -20.63 -13.87
C GLU B 329 14.69 -20.53 -13.79
N VAL B 330 14.11 -19.39 -14.10
CA VAL B 330 12.67 -19.32 -14.23
C VAL B 330 12.26 -19.49 -15.68
N ILE B 331 13.00 -18.90 -16.62
CA ILE B 331 12.69 -19.06 -18.04
C ILE B 331 12.95 -20.49 -18.48
N ALA B 332 13.96 -21.14 -17.95
CA ALA B 332 14.20 -22.53 -18.28
C ALA B 332 13.32 -23.49 -17.50
N LEU B 333 12.41 -22.98 -16.67
CA LEU B 333 11.51 -23.79 -15.88
C LEU B 333 10.06 -23.60 -16.23
N LYS B 334 9.72 -22.41 -16.73
CA LYS B 334 8.37 -22.12 -17.15
C LYS B 334 8.12 -22.76 -18.52
N LYS B 335 9.17 -23.02 -19.29
CA LYS B 335 8.99 -23.68 -20.57
C LYS B 335 8.77 -25.17 -20.42
N LYS B 336 9.27 -25.75 -19.35
CA LYS B 336 9.04 -27.15 -19.05
C LYS B 336 7.59 -27.39 -18.65
N TYR B 337 7.02 -26.43 -17.90
CA TYR B 337 5.66 -26.53 -17.37
C TYR B 337 4.60 -25.65 -18.04
N LYS B 338 5.00 -24.87 -19.04
CA LYS B 338 4.10 -24.07 -19.87
C LYS B 338 3.28 -23.07 -19.07
N ALA B 339 3.97 -22.24 -18.29
CA ALA B 339 3.36 -21.17 -17.54
C ALA B 339 3.73 -19.83 -18.15
N TYR B 340 3.23 -18.75 -17.57
CA TYR B 340 3.54 -17.41 -18.02
C TYR B 340 4.30 -16.67 -16.93
N LEU B 341 5.11 -15.71 -17.35
CA LEU B 341 5.93 -14.96 -16.43
C LEU B 341 5.59 -13.48 -16.49
N TYR B 342 5.38 -12.90 -15.32
CA TYR B 342 5.04 -11.50 -15.21
C TYR B 342 6.23 -10.79 -14.63
N LEU B 343 7.36 -10.86 -15.33
CA LEU B 343 8.58 -10.22 -14.86
C LEU B 343 8.33 -8.75 -14.69
N ASP B 344 8.78 -8.21 -13.57
CA ASP B 344 8.58 -6.79 -13.31
C ASP B 344 9.88 -6.15 -12.78
N GLU B 345 10.28 -5.04 -13.38
CA GLU B 345 11.50 -4.39 -12.94
C GLU B 345 11.37 -2.89 -12.71
N ALA B 346 11.23 -2.49 -11.44
CA ALA B 346 11.10 -1.07 -11.13
C ALA B 346 12.38 -0.55 -10.49
N HIS B 347 13.10 -1.44 -9.79
CA HIS B 347 14.33 -1.07 -9.14
C HIS B 347 15.55 -1.54 -9.91
N SER B 348 15.36 -1.85 -11.17
CA SER B 348 16.47 -2.33 -11.98
C SER B 348 16.58 -1.66 -13.33
N ILE B 349 15.42 -1.38 -13.93
CA ILE B 349 15.29 -0.76 -15.25
C ILE B 349 16.36 0.22 -15.75
N GLY B 350 17.07 0.88 -14.85
CA GLY B 350 18.10 1.79 -15.27
C GLY B 350 19.32 1.70 -14.39
N ALA B 351 19.54 0.54 -13.79
CA ALA B 351 20.66 0.36 -12.89
C ALA B 351 21.36 -0.99 -12.99
N LEU B 352 20.84 -1.85 -13.86
CA LEU B 352 21.39 -3.17 -14.07
C LEU B 352 21.66 -3.37 -15.55
N GLY B 353 22.76 -4.05 -15.86
CA GLY B 353 23.11 -4.31 -17.23
C GLY B 353 24.03 -3.27 -17.82
N PRO B 354 24.81 -3.65 -18.84
CA PRO B 354 25.77 -2.79 -19.53
C PRO B 354 25.23 -1.40 -19.85
N THR B 355 24.04 -1.33 -20.42
CA THR B 355 23.48 -0.04 -20.78
C THR B 355 22.18 0.28 -20.05
N GLY B 356 22.05 -0.22 -18.83
CA GLY B 356 20.85 0.03 -18.03
C GLY B 356 19.59 -0.32 -18.76
N ARG B 357 19.47 -1.59 -19.15
CA ARG B 357 18.29 -2.07 -19.86
C ARG B 357 17.58 -3.17 -19.09
N GLY B 358 17.46 -2.99 -17.78
CA GLY B 358 16.77 -3.96 -16.95
C GLY B 358 17.58 -5.20 -16.65
N VAL B 359 16.93 -6.18 -16.05
CA VAL B 359 17.57 -7.45 -15.68
C VAL B 359 17.66 -8.41 -16.86
N VAL B 360 16.95 -8.16 -17.95
CA VAL B 360 17.00 -9.08 -19.08
C VAL B 360 18.28 -8.88 -19.87
N GLU B 361 18.79 -7.67 -19.96
CA GLU B 361 20.10 -7.46 -20.56
C GLU B 361 21.20 -8.01 -19.66
N TYR B 362 20.97 -8.00 -18.36
CA TYR B 362 21.93 -8.46 -17.38
C TYR B 362 22.32 -9.92 -17.55
N PHE B 363 21.33 -10.80 -17.66
CA PHE B 363 21.62 -12.22 -17.80
C PHE B 363 21.86 -12.65 -19.24
N GLY B 364 21.87 -11.74 -20.19
CA GLY B 364 22.14 -12.11 -21.57
C GLY B 364 21.00 -12.79 -22.28
N LEU B 365 19.76 -12.42 -21.99
CA LEU B 365 18.59 -13.01 -22.62
C LEU B 365 17.85 -11.96 -23.44
N ASP B 366 16.96 -12.43 -24.31
CA ASP B 366 16.23 -11.48 -25.13
C ASP B 366 14.86 -11.21 -24.54
N PRO B 367 14.32 -10.00 -24.73
CA PRO B 367 13.02 -9.69 -24.12
C PRO B 367 11.86 -10.46 -24.72
N GLU B 368 12.13 -11.59 -25.36
CA GLU B 368 11.06 -12.38 -25.98
C GLU B 368 10.60 -13.55 -25.13
N ASP B 369 11.40 -13.92 -24.14
CA ASP B 369 11.06 -15.04 -23.28
C ASP B 369 10.01 -14.66 -22.25
N VAL B 370 9.99 -13.39 -21.87
CA VAL B 370 9.04 -12.90 -20.87
C VAL B 370 7.86 -12.17 -21.48
N ASP B 371 6.79 -12.06 -20.70
CA ASP B 371 5.58 -11.36 -21.13
C ASP B 371 5.17 -10.38 -20.05
N VAL B 372 4.44 -9.34 -20.45
CA VAL B 372 3.96 -8.34 -19.51
C VAL B 372 5.01 -7.72 -18.58
N MET B 373 6.14 -7.31 -19.13
CA MET B 373 7.17 -6.68 -18.31
C MET B 373 6.59 -5.43 -17.69
N MET B 374 6.84 -5.22 -16.41
CA MET B 374 6.34 -4.03 -15.71
C MET B 374 7.49 -3.07 -15.48
N GLY B 375 7.20 -1.87 -15.01
CA GLY B 375 8.25 -0.89 -14.81
C GLY B 375 7.66 0.41 -14.32
N THR B 376 8.52 1.21 -13.70
CA THR B 376 8.09 2.52 -13.22
C THR B 376 9.11 3.54 -13.67
N PHE B 377 8.64 4.77 -13.87
CA PHE B 377 9.51 5.86 -14.28
C PHE B 377 9.96 6.73 -13.12
N THR B 378 9.86 6.24 -11.88
CA THR B 378 10.15 7.09 -10.73
C THR B 378 11.54 6.91 -10.17
N LYS B 379 12.14 5.74 -10.35
CA LYS B 379 13.45 5.49 -9.76
C LYS B 379 14.63 5.98 -10.58
N SER B 380 14.79 5.43 -11.77
CA SER B 380 15.91 5.80 -12.63
C SER B 380 15.70 7.06 -13.44
N PHE B 381 14.54 7.19 -14.07
CA PHE B 381 14.25 8.36 -14.92
C PHE B 381 13.80 9.58 -14.15
N GLY B 382 13.42 9.41 -12.90
CA GLY B 382 13.00 10.54 -12.08
C GLY B 382 11.68 11.20 -12.43
N ALA B 383 10.74 10.42 -12.95
CA ALA B 383 9.41 10.94 -13.27
C ALA B 383 8.36 9.89 -12.89
N SER B 384 7.18 10.35 -12.53
CA SER B 384 6.08 9.46 -12.13
C SER B 384 5.43 8.70 -13.28
N GLY B 385 4.83 7.56 -12.97
CA GLY B 385 4.15 6.75 -13.98
C GLY B 385 4.77 5.39 -14.20
N GLY B 386 4.08 4.54 -14.95
CA GLY B 386 4.60 3.22 -15.23
C GLY B 386 4.11 2.75 -16.57
N TYR B 387 4.70 1.68 -17.03
CA TYR B 387 4.35 1.11 -18.31
C TYR B 387 4.02 -0.37 -18.15
N ILE B 388 3.62 -0.99 -19.25
CA ILE B 388 3.60 -2.43 -19.36
C ILE B 388 4.15 -2.73 -20.76
N GLY B 389 4.68 -3.92 -20.92
CA GLY B 389 5.35 -4.19 -22.19
C GLY B 389 5.12 -5.59 -22.70
N GLY B 390 4.83 -5.73 -23.98
CA GLY B 390 4.38 -7.01 -24.46
C GLY B 390 4.52 -7.27 -25.94
N LYS B 391 3.43 -7.75 -26.51
CA LYS B 391 3.25 -8.00 -27.94
C LYS B 391 1.97 -7.27 -28.36
N LYS B 392 1.73 -7.04 -29.65
CA LYS B 392 0.49 -6.33 -29.99
C LYS B 392 -0.77 -7.07 -29.58
N GLU B 393 -0.77 -8.41 -29.65
CA GLU B 393 -1.92 -9.20 -29.24
C GLU B 393 -2.32 -8.85 -27.80
N LEU B 394 -1.34 -8.78 -26.90
CA LEU B 394 -1.58 -8.43 -25.52
C LEU B 394 -1.99 -6.97 -25.37
N ILE B 395 -1.15 -6.04 -25.84
CA ILE B 395 -1.42 -4.61 -25.73
C ILE B 395 -2.81 -4.19 -26.22
N ASP B 396 -3.15 -4.52 -27.46
CA ASP B 396 -4.47 -4.21 -28.00
C ASP B 396 -5.59 -4.69 -27.11
N TYR B 397 -5.26 -5.57 -26.18
CA TYR B 397 -6.24 -6.08 -25.23
C TYR B 397 -6.30 -5.16 -24.02
N LEU B 398 -5.16 -4.62 -23.61
CA LEU B 398 -5.09 -3.74 -22.46
C LEU B 398 -5.49 -2.30 -22.78
N ARG B 399 -5.53 -1.92 -24.05
CA ARG B 399 -6.03 -0.61 -24.41
C ARG B 399 -7.54 -0.57 -24.44
N THR B 400 -8.17 -1.67 -24.14
CA THR B 400 -9.54 -2.03 -24.37
C THR B 400 -10.21 -2.60 -23.13
N HIS B 401 -9.46 -3.33 -22.29
CA HIS B 401 -10.02 -4.07 -21.16
C HIS B 401 -9.33 -3.76 -19.84
N SER B 402 -8.43 -2.81 -19.79
CA SER B 402 -7.79 -2.45 -18.53
C SER B 402 -8.64 -1.44 -17.79
N HIS B 403 -8.52 -1.46 -16.46
CA HIS B 403 -9.33 -0.56 -15.64
C HIS B 403 -8.87 0.88 -15.75
N SER B 404 -7.58 1.10 -15.99
CA SER B 404 -7.06 2.46 -15.98
C SER B 404 -7.39 3.21 -17.25
N ALA B 405 -7.56 2.50 -18.36
CA ALA B 405 -7.72 3.17 -19.63
C ALA B 405 -9.12 3.74 -19.81
N VAL B 406 -10.10 3.22 -19.10
CA VAL B 406 -11.49 3.61 -19.33
C VAL B 406 -12.01 4.46 -18.19
N TYR B 407 -11.49 4.25 -16.97
CA TYR B 407 -12.02 4.97 -15.81
C TYR B 407 -11.14 6.12 -15.32
N ALA B 408 -9.82 5.97 -15.29
CA ALA B 408 -8.93 6.90 -14.62
C ALA B 408 -8.20 7.79 -15.61
N THR B 409 -7.74 8.93 -15.12
CA THR B 409 -7.07 9.89 -16.00
C THR B 409 -5.63 9.48 -16.27
N SER B 410 -5.01 10.15 -17.23
CA SER B 410 -3.76 9.73 -17.83
C SER B 410 -2.58 10.55 -17.30
N LEU B 411 -1.40 10.34 -17.89
CA LEU B 411 -0.19 11.08 -17.53
C LEU B 411 -0.35 12.55 -17.81
N SER B 412 0.39 13.33 -17.12
CA SER B 412 0.31 14.75 -17.38
C SER B 412 1.36 15.16 -18.41
N PRO B 413 1.06 16.15 -19.22
CA PRO B 413 1.97 16.53 -20.33
C PRO B 413 3.32 17.07 -19.89
N PRO B 414 3.49 17.74 -18.72
CA PRO B 414 4.87 18.04 -18.32
C PRO B 414 5.67 16.91 -17.72
N VAL B 415 5.06 15.87 -17.15
CA VAL B 415 5.88 14.77 -16.66
C VAL B 415 6.15 13.74 -17.73
N VAL B 416 5.58 13.89 -18.92
CA VAL B 416 5.82 12.93 -19.97
C VAL B 416 6.94 13.37 -20.90
N GLU B 417 7.23 14.67 -21.00
CA GLU B 417 8.38 15.07 -21.79
C GLU B 417 9.65 15.07 -20.96
N GLN B 418 9.54 14.97 -19.64
CA GLN B 418 10.74 14.66 -18.87
C GLN B 418 11.18 13.22 -19.12
N ILE B 419 10.25 12.34 -19.46
CA ILE B 419 10.60 10.96 -19.78
C ILE B 419 11.17 10.85 -21.19
N ILE B 420 10.56 11.56 -22.15
CA ILE B 420 10.98 11.47 -23.54
C ILE B 420 12.37 12.07 -23.72
N THR B 421 12.57 13.25 -23.16
CA THR B 421 13.84 13.95 -23.30
C THR B 421 14.87 13.55 -22.27
N SER B 422 14.70 12.40 -21.61
CA SER B 422 15.77 11.81 -20.80
C SER B 422 15.99 10.34 -21.05
N MET B 423 15.06 9.71 -21.76
CA MET B 423 15.22 8.33 -22.16
C MET B 423 16.21 8.46 -23.31
N LYS B 424 16.03 9.51 -24.13
CA LYS B 424 16.95 9.79 -25.21
C LYS B 424 18.35 10.12 -24.69
N CYS B 425 18.44 10.55 -23.43
CA CYS B 425 19.73 10.90 -22.85
C CYS B 425 20.62 9.69 -22.55
N ILE B 426 20.10 8.49 -22.75
CA ILE B 426 20.88 7.27 -22.49
C ILE B 426 21.53 6.74 -23.77
N MET B 427 20.77 6.66 -24.88
CA MET B 427 21.32 6.19 -26.14
C MET B 427 22.33 7.14 -26.77
N GLY B 428 22.33 8.40 -26.40
CA GLY B 428 23.21 9.37 -27.02
C GLY B 428 22.78 9.73 -28.45
N LEU B 434 26.92 12.00 -23.29
CA LEU B 434 27.11 11.53 -21.92
C LEU B 434 25.85 10.81 -21.46
N GLY B 435 25.75 9.53 -21.80
CA GLY B 435 24.72 8.68 -21.25
C GLY B 435 25.24 7.38 -20.70
N LYS B 436 26.34 6.90 -21.27
CA LYS B 436 26.97 5.64 -20.86
C LYS B 436 28.04 5.86 -19.80
N GLU B 437 28.22 7.08 -19.35
CA GLU B 437 29.17 7.35 -18.28
C GLU B 437 28.52 7.16 -16.93
N CYS B 438 27.31 7.71 -16.74
CA CYS B 438 26.59 7.59 -15.48
C CYS B 438 26.11 6.16 -15.22
N VAL B 439 25.98 5.34 -16.25
CA VAL B 439 25.69 3.93 -16.00
C VAL B 439 26.94 3.21 -15.52
N GLN B 440 28.09 3.52 -16.13
CA GLN B 440 29.34 2.95 -15.66
C GLN B 440 29.79 3.54 -14.33
N GLN B 441 29.34 4.75 -14.01
CA GLN B 441 29.67 5.34 -12.72
C GLN B 441 28.85 4.70 -11.60
N LEU B 442 27.58 4.40 -11.86
CA LEU B 442 26.74 3.76 -10.86
C LEU B 442 27.20 2.35 -10.54
N ALA B 443 27.79 1.67 -11.52
CA ALA B 443 28.21 0.29 -11.32
C ALA B 443 29.54 0.18 -10.59
N GLU B 444 30.30 1.25 -10.51
CA GLU B 444 31.56 1.21 -9.76
C GLU B 444 31.50 1.92 -8.43
N ASN B 445 30.36 2.57 -8.16
CA ASN B 445 30.11 3.19 -6.89
C ASN B 445 29.57 2.09 -5.97
N THR B 446 28.90 1.10 -6.56
CA THR B 446 28.34 -0.01 -5.81
C THR B 446 29.41 -1.03 -5.44
N ARG B 447 30.40 -1.24 -6.31
CA ARG B 447 31.46 -2.18 -5.99
C ARG B 447 32.36 -1.64 -4.88
N TYR B 448 32.65 -0.34 -4.90
CA TYR B 448 33.50 0.25 -3.88
C TYR B 448 32.80 0.30 -2.53
N PHE B 449 31.58 0.83 -2.52
CA PHE B 449 30.82 1.03 -1.29
C PHE B 449 30.44 -0.27 -0.61
N ARG B 450 30.38 -1.37 -1.34
CA ARG B 450 29.92 -2.59 -0.71
C ARG B 450 31.07 -3.42 -0.13
N ARG B 451 32.22 -3.45 -0.79
CA ARG B 451 33.34 -4.23 -0.28
C ARG B 451 34.02 -3.58 0.92
N ARG B 452 34.11 -2.25 0.92
CA ARG B 452 34.73 -1.55 2.03
C ARG B 452 33.81 -1.48 3.24
N LEU B 453 32.50 -1.56 3.01
CA LEU B 453 31.55 -1.65 4.12
C LEU B 453 31.44 -3.07 4.66
N LYS B 454 31.92 -4.05 3.91
CA LYS B 454 31.90 -5.44 4.34
C LYS B 454 33.18 -5.82 5.09
N GLU B 455 34.27 -5.10 4.85
CA GLU B 455 35.51 -5.35 5.56
C GLU B 455 35.60 -4.61 6.88
N MET B 456 34.49 -4.04 7.35
CA MET B 456 34.42 -3.46 8.68
C MET B 456 33.72 -4.36 9.68
N GLY B 457 33.07 -5.42 9.23
CA GLY B 457 32.45 -6.39 10.12
C GLY B 457 30.94 -6.40 10.13
N PHE B 458 30.28 -5.52 9.38
CA PHE B 458 28.84 -5.48 9.35
C PHE B 458 28.29 -6.68 8.59
N ILE B 459 26.98 -6.91 8.73
CA ILE B 459 26.27 -7.91 7.94
C ILE B 459 25.53 -7.20 6.82
N ILE B 460 25.82 -7.56 5.58
CA ILE B 460 25.20 -6.97 4.39
C ILE B 460 24.51 -8.07 3.60
N TYR B 461 23.20 -7.97 3.46
CA TYR B 461 22.48 -8.89 2.62
C TYR B 461 22.71 -8.58 1.14
N GLY B 462 22.41 -9.55 0.31
CA GLY B 462 22.15 -9.27 -1.08
C GLY B 462 23.27 -9.65 -2.00
N ASN B 463 23.10 -9.24 -3.24
CA ASN B 463 24.00 -9.64 -4.33
C ASN B 463 25.19 -8.71 -4.37
N GLU B 464 26.27 -9.17 -5.00
CA GLU B 464 27.48 -8.37 -5.11
C GLU B 464 27.27 -7.17 -6.03
N ASP B 465 26.35 -7.27 -6.99
CA ASP B 465 26.09 -6.14 -7.87
C ASP B 465 24.60 -5.78 -7.85
N SER B 466 24.18 -5.11 -6.79
CA SER B 466 22.78 -4.76 -6.60
C SER B 466 22.71 -3.47 -5.79
N PRO B 467 22.27 -2.36 -6.39
CA PRO B 467 22.58 -1.03 -5.84
C PRO B 467 21.75 -0.61 -4.64
N VAL B 468 21.01 -1.49 -4.00
CA VAL B 468 20.52 -1.25 -2.64
C VAL B 468 21.37 -2.09 -1.69
N VAL B 469 21.82 -1.47 -0.61
CA VAL B 469 22.71 -2.12 0.34
C VAL B 469 22.02 -2.14 1.69
N PRO B 470 21.41 -3.25 2.07
CA PRO B 470 20.81 -3.31 3.41
C PRO B 470 21.77 -3.69 4.52
N LEU B 471 21.88 -2.80 5.50
CA LEU B 471 22.71 -2.93 6.68
C LEU B 471 21.84 -3.45 7.82
N MET B 472 22.35 -4.42 8.58
CA MET B 472 21.52 -5.06 9.59
C MET B 472 21.60 -4.33 10.92
N LEU B 473 20.44 -4.00 11.49
CA LEU B 473 20.31 -3.45 12.84
C LEU B 473 19.34 -4.38 13.54
N TYR B 474 19.80 -5.49 14.10
CA TYR B 474 18.79 -6.46 14.48
C TYR B 474 18.12 -6.20 15.83
N MET B 475 17.72 -4.96 16.13
CA MET B 475 17.27 -4.65 17.47
C MET B 475 16.34 -3.45 17.40
N PRO B 476 15.36 -3.34 18.32
CA PRO B 476 14.40 -2.24 18.18
C PRO B 476 14.95 -0.89 18.60
N ALA B 477 15.77 -0.83 19.64
CA ALA B 477 16.26 0.45 20.12
C ALA B 477 17.34 1.03 19.23
N LYS B 478 17.94 0.23 18.37
CA LYS B 478 18.92 0.74 17.42
C LYS B 478 18.27 1.21 16.14
N ILE B 479 16.98 0.95 15.94
CA ILE B 479 16.21 1.58 14.87
C ILE B 479 16.10 3.08 15.13
N GLY B 480 15.62 3.44 16.32
CA GLY B 480 15.45 4.84 16.65
C GLY B 480 16.73 5.57 16.95
N ALA B 481 17.82 4.84 17.19
CA ALA B 481 19.10 5.46 17.50
C ALA B 481 20.01 5.57 16.29
N PHE B 482 19.95 4.65 15.32
CA PHE B 482 20.79 4.81 14.14
C PHE B 482 20.31 5.96 13.29
N GLY B 483 19.00 6.16 13.19
CA GLY B 483 18.50 7.28 12.42
C GLY B 483 18.71 8.61 13.09
N ARG B 484 18.75 8.61 14.41
CA ARG B 484 18.90 9.83 15.19
C ARG B 484 20.34 10.30 15.34
N GLU B 485 21.28 9.37 15.40
CA GLU B 485 22.68 9.73 15.56
C GLU B 485 23.33 10.14 14.27
N MET B 486 22.83 9.70 13.13
CA MET B 486 23.44 10.10 11.87
C MET B 486 23.07 11.50 11.46
N LEU B 487 21.96 12.05 11.98
CA LEU B 487 21.69 13.47 11.71
C LEU B 487 22.66 14.38 12.44
N LYS B 488 23.13 14.00 13.62
CA LYS B 488 24.17 14.76 14.30
C LYS B 488 25.45 14.76 13.50
N ARG B 489 25.66 13.64 12.81
CA ARG B 489 26.84 13.38 11.98
C ARG B 489 26.69 13.85 10.55
N ASN B 490 25.57 14.52 10.28
CA ASN B 490 25.25 15.18 9.01
C ASN B 490 25.20 14.19 7.83
N ILE B 491 24.26 13.25 7.92
CA ILE B 491 23.97 12.27 6.86
C ILE B 491 22.58 11.72 7.14
N GLY B 492 21.78 11.54 6.09
CA GLY B 492 20.41 11.07 6.28
C GLY B 492 20.17 9.72 5.63
N VAL B 493 19.57 8.79 6.37
CA VAL B 493 19.37 7.42 5.91
C VAL B 493 17.93 7.01 6.19
N VAL B 494 17.62 5.77 5.83
CA VAL B 494 16.29 5.18 5.96
C VAL B 494 16.42 3.94 6.82
N VAL B 495 15.64 3.89 7.89
CA VAL B 495 15.65 2.75 8.79
C VAL B 495 14.25 2.16 8.83
N VAL B 496 14.14 0.90 8.42
CA VAL B 496 12.84 0.23 8.42
C VAL B 496 12.85 -0.88 9.47
N GLY B 497 11.81 -0.89 10.31
CA GLY B 497 11.71 -1.87 11.36
C GLY B 497 10.36 -2.54 11.38
N PHE B 498 10.34 -3.76 11.92
CA PHE B 498 9.15 -4.58 12.02
C PHE B 498 8.31 -4.60 10.75
N PRO B 499 6.98 -4.36 10.89
CA PRO B 499 5.91 -4.35 9.90
C PRO B 499 6.27 -4.88 8.51
N ALA B 500 7.10 -4.16 7.77
CA ALA B 500 7.52 -4.57 6.44
C ALA B 500 8.33 -5.87 6.46
N THR B 501 9.21 -6.00 7.44
CA THR B 501 10.07 -7.16 7.59
C THR B 501 9.73 -8.04 8.79
N PRO B 502 10.54 -9.08 9.03
CA PRO B 502 10.35 -10.01 10.14
C PRO B 502 10.69 -9.37 11.48
N ILE B 503 10.15 -9.92 12.56
CA ILE B 503 10.38 -9.42 13.91
C ILE B 503 11.85 -9.18 14.23
N ILE B 504 12.68 -10.19 14.01
CA ILE B 504 14.11 -10.07 14.31
C ILE B 504 14.97 -9.58 13.15
N GLU B 505 14.35 -8.96 12.16
CA GLU B 505 15.08 -8.45 11.01
C GLU B 505 14.81 -6.97 10.73
N SER B 506 15.31 -6.10 11.60
CA SER B 506 15.17 -4.67 11.42
C SER B 506 16.45 -4.23 10.75
N ARG B 507 16.33 -3.54 9.63
CA ARG B 507 17.51 -3.11 8.89
C ARG B 507 17.50 -1.66 8.48
N ALA B 508 18.51 -1.28 7.72
CA ALA B 508 18.70 0.08 7.22
C ALA B 508 19.10 0.00 5.76
N ARG B 509 18.52 0.88 4.94
CA ARG B 509 18.77 0.91 3.51
C ARG B 509 19.69 2.04 3.10
N PHE B 510 20.49 1.80 2.07
CA PHE B 510 21.48 2.77 1.58
C PHE B 510 21.47 2.82 0.07
N CYS B 511 20.33 3.15 -0.54
CA CYS B 511 20.22 3.35 -1.99
C CYS B 511 21.26 4.33 -2.52
N LEU B 512 22.17 3.83 -3.35
CA LEU B 512 23.28 4.61 -3.86
C LEU B 512 22.85 5.41 -5.09
N SER B 513 23.81 6.04 -5.75
CA SER B 513 23.54 6.91 -6.88
C SER B 513 24.81 7.04 -7.70
N ALA B 514 24.64 7.51 -8.92
CA ALA B 514 25.76 7.86 -9.78
C ALA B 514 26.11 9.33 -9.70
N ALA B 515 25.42 10.08 -8.85
CA ALA B 515 25.77 11.45 -8.53
C ALA B 515 26.55 11.56 -7.22
N HIS B 516 26.81 10.44 -6.56
CA HIS B 516 27.66 10.43 -5.38
C HIS B 516 29.10 10.21 -5.82
N THR B 517 29.96 11.18 -5.53
CA THR B 517 31.35 11.09 -5.96
C THR B 517 32.14 10.21 -5.00
N LYS B 518 33.46 10.15 -5.23
CA LYS B 518 34.33 9.43 -4.32
C LYS B 518 34.50 10.18 -3.01
N GLU B 519 34.48 11.50 -3.06
CA GLU B 519 34.66 12.31 -1.86
C GLU B 519 33.40 12.39 -1.00
N ILE B 520 32.23 12.11 -1.57
CA ILE B 520 31.02 12.02 -0.76
C ILE B 520 30.94 10.68 -0.06
N LEU B 521 31.36 9.61 -0.74
CA LEU B 521 31.29 8.28 -0.13
C LEU B 521 32.30 8.10 0.99
N ASP B 522 33.48 8.70 0.85
CA ASP B 522 34.47 8.60 1.92
C ASP B 522 34.11 9.45 3.12
N THR B 523 33.30 10.49 2.93
CA THR B 523 32.71 11.18 4.07
C THR B 523 31.70 10.29 4.78
N ALA B 524 30.90 9.54 4.02
CA ALA B 524 29.87 8.69 4.60
C ALA B 524 30.46 7.44 5.23
N LEU B 525 31.44 6.81 4.57
CA LEU B 525 32.03 5.60 5.13
C LEU B 525 32.87 5.88 6.37
N LYS B 526 33.37 7.10 6.54
CA LYS B 526 34.11 7.41 7.75
C LYS B 526 33.18 7.58 8.93
N GLU B 527 31.94 8.02 8.71
CA GLU B 527 31.00 8.22 9.80
C GLU B 527 30.22 6.97 10.16
N ILE B 528 30.01 6.06 9.20
CA ILE B 528 29.38 4.79 9.53
C ILE B 528 30.32 3.95 10.39
N ASP B 529 31.63 4.07 10.16
CA ASP B 529 32.61 3.40 10.99
C ASP B 529 32.63 3.92 12.42
N GLU B 530 32.27 5.20 12.58
CA GLU B 530 32.29 5.83 13.90
C GLU B 530 30.98 5.65 14.66
N VAL B 531 29.89 5.46 13.93
CA VAL B 531 28.61 5.24 14.58
C VAL B 531 28.27 3.75 14.63
N GLY B 532 29.22 2.93 14.18
CA GLY B 532 29.05 1.49 14.20
C GLY B 532 29.71 0.94 15.45
N ASP B 533 30.72 1.64 15.93
CA ASP B 533 31.44 1.25 17.13
C ASP B 533 30.75 1.83 18.35
N LEU B 534 29.96 2.88 18.13
CA LEU B 534 29.22 3.54 19.19
C LEU B 534 27.98 2.76 19.58
N LEU B 535 27.51 1.91 18.67
CA LEU B 535 26.32 1.11 18.93
C LEU B 535 26.58 -0.38 18.76
N GLN B 536 27.85 -0.76 18.64
CA GLN B 536 28.26 -2.15 18.47
C GLN B 536 27.48 -2.88 17.39
N LEU B 537 27.65 -2.47 16.15
CA LEU B 537 26.97 -3.09 15.03
C LEU B 537 27.95 -3.80 14.12
N LYS B 538 29.05 -4.29 14.71
CA LYS B 538 30.08 -4.97 13.93
C LYS B 538 30.12 -6.42 14.35
N TYR B 539 29.19 -7.19 13.82
CA TYR B 539 29.11 -8.60 14.17
C TYR B 539 28.89 -9.54 13.00
N SER B 540 29.96 -10.23 12.62
CA SER B 540 29.94 -11.20 11.55
C SER B 540 31.13 -12.12 11.76
N ARG B 541 30.89 -13.42 11.78
CA ARG B 541 31.97 -14.38 12.00
C ARG B 541 33.03 -14.25 10.91
N HIS B 542 32.59 -13.99 9.69
CA HIS B 542 33.47 -13.82 8.57
C HIS B 542 33.78 -12.34 8.41
N ARG B 543 35.06 -12.00 8.34
CA ARG B 543 35.50 -10.63 8.13
C ARG B 543 36.41 -10.68 6.91
N LEU B 544 35.99 -10.04 5.84
CA LEU B 544 36.73 -10.08 4.58
C LEU B 544 37.90 -9.10 4.66
N VAL B 545 38.95 -9.52 5.35
CA VAL B 545 40.11 -8.63 5.55
C VAL B 545 40.93 -8.59 4.26
N PRO B 546 41.36 -7.40 3.79
CA PRO B 546 42.04 -7.37 2.50
C PRO B 546 43.49 -7.84 2.56
N MET C 17 9.59 -17.10 12.91
CA MET C 17 10.27 -17.66 14.07
C MET C 17 11.69 -18.09 13.70
N ASN C 18 12.61 -18.01 14.66
CA ASN C 18 13.96 -18.53 14.53
C ASN C 18 14.01 -19.80 15.37
N SER C 19 14.10 -20.95 14.69
CA SER C 19 13.75 -22.25 15.29
C SER C 19 14.66 -22.62 16.45
N ARG C 20 15.90 -22.15 16.44
CA ARG C 20 16.70 -22.24 17.65
C ARG C 20 16.59 -20.96 18.47
N GLY C 21 16.40 -19.81 17.82
CA GLY C 21 16.36 -18.55 18.53
C GLY C 21 15.10 -18.32 19.35
N ILE C 22 13.94 -18.74 18.87
CA ILE C 22 12.75 -18.51 19.67
C ILE C 22 12.65 -19.49 20.86
N TRP C 23 12.71 -20.79 20.55
CA TRP C 23 12.66 -21.87 21.53
C TRP C 23 13.58 -21.60 22.71
N LEU C 24 14.85 -21.39 22.36
CA LEU C 24 15.90 -21.09 23.33
C LEU C 24 15.46 -19.96 24.25
N SER C 25 15.00 -18.85 23.66
CA SER C 25 14.53 -17.70 24.42
C SER C 25 13.47 -18.13 25.42
N TYR C 26 12.48 -18.91 24.96
CA TYR C 26 11.43 -19.41 25.86
C TYR C 26 12.04 -20.16 27.05
N VAL C 27 13.00 -21.05 26.75
CA VAL C 27 13.69 -21.80 27.80
C VAL C 27 14.30 -20.83 28.81
N LEU C 28 14.98 -19.79 28.31
CA LEU C 28 15.61 -18.81 29.16
C LEU C 28 14.59 -18.19 30.09
N ALA C 29 13.50 -17.67 29.52
CA ALA C 29 12.41 -17.02 30.26
C ALA C 29 11.98 -17.81 31.48
N ILE C 30 11.62 -19.07 31.25
CA ILE C 30 11.20 -20.00 32.32
C ILE C 30 12.22 -19.98 33.44
N GLY C 31 13.47 -20.21 33.07
CA GLY C 31 14.59 -20.21 34.01
C GLY C 31 14.60 -18.94 34.83
N LEU C 32 14.51 -17.80 34.15
CA LEU C 32 14.50 -16.48 34.79
C LEU C 32 13.42 -16.44 35.84
N LEU C 33 12.20 -16.86 35.46
CA LEU C 33 11.06 -16.88 36.38
C LEU C 33 11.43 -17.68 37.62
N HIS C 34 11.97 -18.89 37.39
CA HIS C 34 12.39 -19.76 38.48
C HIS C 34 13.41 -19.13 39.41
N ILE C 35 14.34 -18.34 38.87
CA ILE C 35 15.36 -17.73 39.74
C ILE C 35 14.91 -16.39 40.31
N VAL C 36 13.75 -15.90 39.86
CA VAL C 36 13.22 -14.65 40.34
C VAL C 36 12.22 -15.00 41.41
N LEU C 37 11.66 -16.18 41.26
CA LEU C 37 10.68 -16.71 42.19
C LEU C 37 11.41 -17.41 43.32
N LEU C 38 12.59 -17.95 43.01
CA LEU C 38 13.41 -18.64 44.00
C LEU C 38 14.27 -17.65 44.77
N SER C 39 15.03 -18.17 45.72
CA SER C 39 15.92 -17.35 46.56
C SER C 39 15.20 -16.14 47.16
N ILE C 40 14.06 -16.37 47.77
CA ILE C 40 13.29 -15.30 48.40
C ILE C 40 13.43 -15.41 49.92
N PRO C 41 13.99 -14.37 50.55
CA PRO C 41 14.24 -14.32 51.99
C PRO C 41 13.05 -14.79 52.83
N PHE C 42 11.87 -14.29 52.50
CA PHE C 42 10.66 -14.65 53.24
C PHE C 42 10.40 -16.16 53.21
N VAL C 43 10.20 -16.70 52.02
CA VAL C 43 9.92 -18.12 51.86
C VAL C 43 11.07 -18.88 51.19
N SER C 44 11.82 -19.62 52.00
CA SER C 44 12.92 -20.43 51.50
C SER C 44 12.50 -21.89 51.45
N VAL C 45 11.28 -22.12 50.95
CA VAL C 45 10.73 -23.46 50.84
C VAL C 45 10.83 -23.98 49.41
N PRO C 46 11.00 -25.31 49.29
CA PRO C 46 11.14 -26.02 48.01
C PRO C 46 9.79 -26.17 47.33
N VAL C 47 8.86 -25.29 47.68
CA VAL C 47 7.54 -25.30 47.08
C VAL C 47 7.42 -24.18 46.05
N VAL C 48 8.57 -23.79 45.50
CA VAL C 48 8.63 -22.78 44.45
C VAL C 48 8.38 -23.44 43.10
N TRP C 49 8.53 -24.77 43.06
CA TRP C 49 8.28 -25.55 41.85
C TRP C 49 6.79 -25.52 41.55
N THR C 50 5.98 -25.57 42.60
CA THR C 50 4.53 -25.50 42.47
C THR C 50 4.20 -24.08 42.02
N LEU C 51 4.89 -23.10 42.59
CA LEU C 51 4.70 -21.71 42.23
C LEU C 51 5.06 -21.55 40.77
N THR C 52 6.20 -22.12 40.39
CA THR C 52 6.67 -22.08 39.01
C THR C 52 5.59 -22.64 38.12
N ASN C 53 5.21 -23.90 38.38
CA ASN C 53 4.17 -24.54 37.59
C ASN C 53 2.89 -23.72 37.58
N LEU C 54 2.62 -22.98 38.65
CA LEU C 54 1.35 -22.26 38.77
C LEU C 54 1.32 -21.01 37.92
N ILE C 55 2.42 -20.27 37.90
CA ILE C 55 2.48 -19.03 37.13
C ILE C 55 2.55 -19.33 35.64
N HIS C 56 3.27 -20.39 35.27
CA HIS C 56 3.57 -20.63 33.87
C HIS C 56 2.35 -21.11 33.09
N ASN C 57 1.56 -22.02 33.66
CA ASN C 57 0.40 -22.52 32.92
C ASN C 57 -0.71 -21.47 32.85
N MET C 58 -0.80 -20.58 33.82
CA MET C 58 -1.72 -19.46 33.70
C MET C 58 -1.16 -18.38 32.79
N GLY C 59 0.16 -18.31 32.65
CA GLY C 59 0.75 -17.38 31.70
C GLY C 59 0.61 -17.84 30.26
N MET C 60 0.67 -19.15 30.03
CA MET C 60 0.50 -19.67 28.68
C MET C 60 -0.94 -19.55 28.21
N TYR C 61 -1.90 -19.80 29.11
CA TYR C 61 -3.30 -19.81 28.74
C TYR C 61 -3.80 -18.43 28.34
N ILE C 62 -3.19 -17.37 28.87
CA ILE C 62 -3.60 -16.02 28.50
C ILE C 62 -3.06 -15.67 27.12
N PHE C 63 -1.77 -15.86 26.90
CA PHE C 63 -1.13 -15.40 25.67
C PHE C 63 -1.25 -16.38 24.51
N LEU C 64 -1.88 -17.54 24.70
CA LEU C 64 -2.04 -18.47 23.60
C LEU C 64 -3.45 -18.97 23.38
N HIS C 65 -4.36 -18.83 24.34
CA HIS C 65 -5.71 -19.34 24.18
C HIS C 65 -6.78 -18.39 24.66
N THR C 66 -6.42 -17.17 25.03
CA THR C 66 -7.40 -16.19 25.50
C THR C 66 -7.40 -14.92 24.66
N VAL C 67 -6.25 -14.25 24.60
CA VAL C 67 -6.14 -13.03 23.81
C VAL C 67 -6.50 -13.34 22.37
N LYS C 68 -7.53 -12.67 21.86
CA LYS C 68 -8.00 -12.89 20.50
C LYS C 68 -7.64 -11.76 19.56
N GLY C 69 -7.13 -12.10 18.39
CA GLY C 69 -6.75 -11.11 17.39
C GLY C 69 -5.25 -10.96 17.22
N THR C 70 -4.87 -10.08 16.29
CA THR C 70 -3.47 -9.80 16.01
C THR C 70 -3.09 -8.53 16.75
N PRO C 71 -1.78 -8.35 17.02
CA PRO C 71 -1.28 -7.17 17.73
C PRO C 71 -0.92 -6.03 16.79
N PHE C 72 -1.32 -6.13 15.53
CA PHE C 72 -1.04 -5.09 14.54
C PHE C 72 -1.99 -5.24 13.36
N GLU C 73 -2.41 -4.12 12.79
CA GLU C 73 -3.36 -4.14 11.67
C GLU C 73 -2.74 -4.50 10.33
N THR C 74 -3.62 -4.55 9.32
CA THR C 74 -3.30 -4.85 7.92
C THR C 74 -2.77 -6.26 7.61
N PRO C 75 -3.32 -7.28 8.26
CA PRO C 75 -2.86 -8.64 7.95
C PRO C 75 -3.55 -9.18 6.70
N ASP C 76 -4.89 -9.26 6.75
CA ASP C 76 -5.71 -9.72 5.63
C ASP C 76 -7.18 -9.38 5.86
N GLN C 77 -7.48 -8.08 5.91
CA GLN C 77 -8.84 -7.59 6.14
C GLN C 77 -9.50 -8.25 7.35
N GLY C 78 -8.78 -8.28 8.47
CA GLY C 78 -9.29 -8.85 9.69
C GLY C 78 -9.82 -10.27 9.57
N LYS C 79 -9.11 -11.11 8.84
CA LYS C 79 -9.51 -12.49 8.64
C LYS C 79 -9.49 -13.28 9.94
N ALA C 80 -8.54 -12.97 10.80
CA ALA C 80 -8.39 -13.65 12.07
C ALA C 80 -8.68 -12.73 13.26
N ARG C 81 -9.86 -12.13 13.25
CA ARG C 81 -10.25 -11.26 14.34
C ARG C 81 -10.89 -12.08 15.44
N LEU C 82 -11.44 -13.23 15.04
CA LEU C 82 -12.10 -14.14 15.98
C LEU C 82 -11.30 -15.44 16.04
N LEU C 83 -9.99 -15.31 16.24
CA LEU C 83 -9.11 -16.46 16.32
C LEU C 83 -8.11 -16.29 17.45
N THR C 84 -7.64 -17.40 18.00
CA THR C 84 -6.68 -17.38 19.10
C THR C 84 -5.29 -17.75 18.61
N HIS C 85 -4.28 -17.21 19.28
CA HIS C 85 -2.89 -17.44 18.89
C HIS C 85 -2.50 -18.89 18.63
N TRP C 86 -3.15 -19.84 19.30
CA TRP C 86 -2.84 -21.25 19.09
C TRP C 86 -3.66 -21.84 17.96
N GLU C 87 -4.61 -21.06 17.46
CA GLU C 87 -5.42 -21.52 16.34
C GLU C 87 -4.83 -21.00 15.03
N GLN C 88 -4.61 -19.69 14.97
CA GLN C 88 -4.05 -19.02 13.80
C GLN C 88 -2.63 -19.40 13.42
N MET C 89 -1.78 -19.66 14.41
CA MET C 89 -0.37 -19.97 14.17
C MET C 89 -0.15 -21.19 13.30
N ASP C 90 0.92 -21.13 12.49
CA ASP C 90 1.35 -22.18 11.57
C ASP C 90 0.28 -22.54 10.54
N TYR C 91 -0.48 -21.53 10.13
CA TYR C 91 -1.59 -21.68 9.17
C TYR C 91 -2.47 -22.89 9.47
N GLY C 92 -2.76 -23.08 10.75
CA GLY C 92 -3.61 -24.16 11.19
C GLY C 92 -3.09 -25.58 11.05
N VAL C 93 -1.80 -25.74 10.76
CA VAL C 93 -1.25 -27.08 10.62
C VAL C 93 -1.35 -27.77 11.97
N GLN C 94 -1.82 -29.02 11.96
CA GLN C 94 -2.04 -29.78 13.18
C GLN C 94 -0.78 -30.15 13.98
N PHE C 95 0.25 -30.62 13.30
CA PHE C 95 1.47 -31.06 13.99
C PHE C 95 2.76 -30.52 13.37
N THR C 96 3.01 -29.24 13.54
CA THR C 96 4.23 -28.64 13.00
C THR C 96 5.34 -28.73 14.04
N ALA C 97 6.56 -28.40 13.64
CA ALA C 97 7.72 -28.42 14.53
C ALA C 97 7.43 -27.69 15.85
N SER C 98 6.72 -26.57 15.79
CA SER C 98 6.39 -25.81 16.99
C SER C 98 5.15 -26.27 17.75
N ARG C 99 4.14 -26.83 17.07
CA ARG C 99 2.95 -27.27 17.77
C ARG C 99 3.31 -28.33 18.81
N LYS C 100 4.28 -29.18 18.47
CA LYS C 100 4.70 -30.25 19.38
C LYS C 100 5.53 -29.70 20.53
N PHE C 101 6.39 -28.71 20.26
CA PHE C 101 7.28 -28.21 21.31
C PHE C 101 6.51 -27.46 22.40
N LEU C 102 5.45 -26.75 22.03
CA LEU C 102 4.66 -26.02 23.01
C LEU C 102 3.68 -26.92 23.76
N THR C 103 3.61 -28.21 23.43
CA THR C 103 2.82 -29.16 24.23
C THR C 103 3.68 -30.20 24.95
N ILE C 104 4.86 -30.53 24.44
CA ILE C 104 5.75 -31.43 25.16
C ILE C 104 6.37 -30.73 26.37
N THR C 105 6.68 -29.45 26.24
CA THR C 105 7.26 -28.71 27.36
C THR C 105 6.37 -28.43 28.58
N PRO C 106 5.05 -28.21 28.48
CA PRO C 106 4.29 -28.06 29.74
C PRO C 106 4.12 -29.35 30.51
N ILE C 107 4.37 -30.50 29.90
CA ILE C 107 4.27 -31.74 30.64
C ILE C 107 5.62 -32.18 31.19
N VAL C 108 6.74 -31.69 30.63
CA VAL C 108 8.05 -31.97 31.20
C VAL C 108 8.22 -31.23 32.53
N LEU C 109 7.64 -30.02 32.65
CA LEU C 109 7.57 -29.33 33.93
C LEU C 109 6.83 -30.14 34.99
N TYR C 110 5.83 -30.91 34.58
CA TYR C 110 5.06 -31.72 35.52
C TYR C 110 5.91 -32.86 36.09
N PHE C 111 6.89 -33.34 35.33
CA PHE C 111 7.83 -34.30 35.89
C PHE C 111 8.78 -33.65 36.88
N LEU C 112 9.13 -32.39 36.66
CA LEU C 112 10.10 -31.72 37.51
C LEU C 112 9.48 -31.23 38.81
N THR C 113 8.21 -30.85 38.80
CA THR C 113 7.54 -30.38 40.00
C THR C 113 6.92 -31.52 40.79
N SER C 114 7.30 -32.76 40.49
CA SER C 114 6.86 -33.93 41.24
C SER C 114 7.99 -34.69 41.88
N PHE C 115 9.21 -34.57 41.36
CA PHE C 115 10.34 -35.23 41.97
C PHE C 115 10.73 -34.45 43.23
N TYR C 116 10.37 -33.17 43.24
CA TYR C 116 10.70 -32.25 44.33
C TYR C 116 9.58 -31.94 45.31
N THR C 117 8.34 -32.16 44.89
CA THR C 117 7.18 -31.89 45.75
C THR C 117 6.76 -33.11 46.55
N LYS C 118 7.51 -34.20 46.37
CA LYS C 118 7.27 -35.48 47.06
C LYS C 118 5.85 -36.01 46.91
N TYR C 119 5.28 -35.87 45.71
CA TYR C 119 3.94 -36.34 45.42
C TYR C 119 2.91 -35.91 46.46
N ASP C 120 2.88 -34.61 46.73
CA ASP C 120 1.98 -34.04 47.71
C ASP C 120 0.54 -34.27 47.30
N GLN C 121 -0.30 -34.61 48.28
CA GLN C 121 -1.71 -34.84 48.02
C GLN C 121 -2.44 -33.50 48.02
N ILE C 122 -1.84 -32.51 48.65
CA ILE C 122 -2.41 -31.17 48.73
C ILE C 122 -2.04 -30.35 47.50
N HIS C 123 -0.92 -30.70 46.89
CA HIS C 123 -0.43 -30.00 45.72
C HIS C 123 -0.79 -30.75 44.44
N PHE C 124 -1.36 -31.94 44.59
CA PHE C 124 -1.74 -32.74 43.43
C PHE C 124 -2.94 -32.13 42.74
N VAL C 125 -3.82 -31.48 43.51
CA VAL C 125 -5.00 -30.84 42.95
C VAL C 125 -4.68 -29.43 42.49
N LEU C 126 -3.52 -28.93 42.89
CA LEU C 126 -3.11 -27.58 42.51
C LEU C 126 -2.08 -27.63 41.40
N ASN C 127 -1.72 -28.82 40.95
CA ASN C 127 -0.75 -28.96 39.88
C ASN C 127 -1.36 -29.56 38.63
N THR C 128 -2.09 -30.66 38.79
CA THR C 128 -2.73 -31.31 37.65
C THR C 128 -3.83 -30.44 37.07
N VAL C 129 -4.72 -29.93 37.92
CA VAL C 129 -5.79 -29.06 37.46
C VAL C 129 -5.23 -27.89 36.67
N SER C 130 -4.08 -27.36 37.08
CA SER C 130 -3.37 -26.37 36.28
C SER C 130 -2.75 -26.98 35.04
N LEU C 131 -2.55 -28.29 35.03
CA LEU C 131 -2.03 -28.94 33.82
C LEU C 131 -3.14 -29.18 32.81
N MET C 132 -4.35 -29.51 33.29
CA MET C 132 -5.45 -29.82 32.38
C MET C 132 -6.03 -28.56 31.75
N SER C 133 -5.80 -27.40 32.35
CA SER C 133 -6.30 -26.17 31.76
C SER C 133 -5.50 -25.75 30.53
N VAL C 134 -4.33 -26.35 30.33
CA VAL C 134 -3.49 -26.04 29.19
C VAL C 134 -3.50 -27.17 28.16
N LEU C 135 -3.33 -28.41 28.62
CA LEU C 135 -3.27 -29.55 27.70
C LEU C 135 -4.54 -29.83 26.92
N ILE C 136 -5.69 -29.55 27.52
CA ILE C 136 -6.98 -29.81 26.87
C ILE C 136 -7.28 -28.83 25.73
N PRO C 137 -7.00 -27.50 25.81
CA PRO C 137 -7.13 -26.69 24.59
C PRO C 137 -6.13 -27.02 23.50
N LYS C 138 -5.08 -27.77 23.82
CA LYS C 138 -4.10 -28.13 22.80
C LYS C 138 -4.48 -29.39 22.04
N LEU C 139 -5.64 -29.96 22.35
CA LEU C 139 -6.09 -31.17 21.65
C LEU C 139 -6.58 -30.82 20.25
N PRO C 140 -6.20 -31.62 19.24
CA PRO C 140 -6.61 -31.31 17.86
C PRO C 140 -8.07 -31.60 17.59
N GLN C 141 -8.77 -32.21 18.55
CA GLN C 141 -10.18 -32.53 18.35
C GLN C 141 -11.10 -31.44 18.88
N LEU C 142 -10.60 -30.22 18.96
CA LEU C 142 -11.39 -29.11 19.47
C LEU C 142 -11.49 -27.92 18.52
N HIS C 143 -10.38 -27.20 18.35
CA HIS C 143 -10.34 -26.02 17.48
C HIS C 143 -11.47 -25.05 17.80
N GLY C 144 -12.15 -24.56 16.76
CA GLY C 144 -13.24 -23.63 16.95
C GLY C 144 -14.29 -24.15 17.90
N VAL C 145 -14.20 -23.74 19.16
CA VAL C 145 -15.15 -24.18 20.17
C VAL C 145 -15.43 -23.08 21.19
N ARG C 146 -14.52 -22.12 21.26
CA ARG C 146 -14.62 -20.98 22.16
C ARG C 146 -14.95 -21.40 23.59
N TRP D 31 37.30 6.00 35.83
CA TRP D 31 36.98 6.22 34.43
C TRP D 31 35.56 6.76 34.28
N LYS D 32 35.41 7.78 33.44
CA LYS D 32 34.10 8.36 33.23
C LYS D 32 33.37 7.70 32.05
N GLN D 33 33.99 6.68 31.48
CA GLN D 33 33.40 5.96 30.37
C GLN D 33 32.50 4.84 30.85
N MET D 34 32.10 4.89 32.12
CA MET D 34 31.02 4.05 32.62
C MET D 34 29.69 4.42 32.00
N SER D 35 29.54 5.66 31.54
CA SER D 35 28.35 6.03 30.78
C SER D 35 28.27 5.32 29.44
N TRP D 36 29.41 4.86 28.89
CA TRP D 36 29.34 4.02 27.70
C TRP D 36 28.80 2.63 28.04
N PHE D 37 29.15 2.12 29.21
CA PHE D 37 28.64 0.83 29.64
C PHE D 37 27.16 1.00 29.95
N TYR D 38 26.78 2.15 30.51
CA TYR D 38 25.38 2.42 30.74
C TYR D 38 24.65 2.64 29.42
N TYR D 39 25.37 3.11 28.40
CA TYR D 39 24.75 3.34 27.10
C TYR D 39 24.42 2.03 26.42
N GLN D 40 25.30 1.03 26.56
CA GLN D 40 25.06 -0.28 25.99
C GLN D 40 23.90 -0.94 26.72
N TYR D 41 23.76 -0.66 28.01
CA TYR D 41 22.68 -1.22 28.79
C TYR D 41 21.34 -0.67 28.33
N LEU D 42 21.34 0.53 27.74
CA LEU D 42 20.11 1.12 27.24
C LEU D 42 19.76 0.63 25.84
N LEU D 43 20.76 0.34 25.02
CA LEU D 43 20.49 -0.10 23.66
C LEU D 43 20.13 -1.58 23.56
N VAL D 44 20.65 -2.38 24.49
CA VAL D 44 20.38 -3.83 24.46
C VAL D 44 19.02 -4.17 25.03
N THR D 45 18.30 -3.13 25.45
CA THR D 45 16.97 -3.26 25.98
C THR D 45 16.11 -2.13 25.41
N ALA D 46 14.83 -2.08 25.78
CA ALA D 46 13.94 -1.05 25.25
C ALA D 46 13.94 0.22 26.08
N LEU D 47 14.76 0.27 27.13
CA LEU D 47 14.80 1.42 28.01
C LEU D 47 15.20 2.72 27.31
N TYR D 48 16.16 2.66 26.40
CA TYR D 48 16.60 3.87 25.70
C TYR D 48 15.46 4.63 25.04
N MET D 49 14.56 3.92 24.37
CA MET D 49 13.45 4.58 23.71
C MET D 49 12.24 4.58 24.64
N LEU D 50 12.51 4.85 25.91
CA LEU D 50 11.50 4.87 26.94
C LEU D 50 11.59 6.17 27.70
N GLU D 51 10.51 6.56 28.36
CA GLU D 51 10.45 7.80 29.13
C GLU D 51 11.40 7.91 30.33
N PRO D 52 11.53 9.13 30.86
CA PRO D 52 12.33 9.58 32.00
C PRO D 52 11.73 9.12 33.32
N TRP D 53 10.48 9.43 33.62
CA TRP D 53 9.94 8.97 34.89
C TRP D 53 9.59 7.48 34.88
N GLU D 54 9.47 6.91 33.70
CA GLU D 54 9.13 5.49 33.58
C GLU D 54 10.33 4.57 33.33
N ARG D 55 11.53 5.13 33.38
CA ARG D 55 12.74 4.33 33.17
C ARG D 55 13.32 3.82 34.49
N THR D 56 12.97 4.49 35.58
CA THR D 56 13.40 4.10 36.91
C THR D 56 12.51 3.04 37.54
N VAL D 57 11.31 2.83 36.99
CA VAL D 57 10.47 1.72 37.42
C VAL D 57 11.18 0.40 37.16
N PHE D 58 11.67 0.22 35.93
CA PHE D 58 12.46 -0.96 35.61
C PHE D 58 13.78 -0.96 36.36
N ASN D 59 14.32 0.22 36.65
CA ASN D 59 15.60 0.31 37.34
C ASN D 59 15.53 0.01 38.84
N SER D 60 14.32 0.11 39.40
CA SER D 60 14.13 -0.16 40.82
C SER D 60 13.94 -1.66 41.03
N MET D 61 13.02 -2.24 40.27
CA MET D 61 12.74 -3.67 40.36
C MET D 61 13.97 -4.51 40.03
N LEU D 62 14.73 -4.09 39.01
CA LEU D 62 15.93 -4.81 38.61
C LEU D 62 16.87 -5.00 39.79
N VAL D 63 17.12 -3.93 40.54
CA VAL D 63 18.00 -3.98 41.69
C VAL D 63 17.28 -4.65 42.88
N SER D 64 15.95 -4.57 42.88
CA SER D 64 15.17 -5.18 43.94
C SER D 64 15.22 -6.70 43.80
N ILE D 65 15.23 -7.17 42.55
CA ILE D 65 15.28 -8.61 42.29
C ILE D 65 16.69 -9.15 42.49
N VAL D 66 17.68 -8.29 42.41
CA VAL D 66 19.06 -8.70 42.61
C VAL D 66 19.39 -8.50 44.08
N GLY D 67 18.88 -7.42 44.65
CA GLY D 67 19.10 -7.12 46.06
C GLY D 67 18.56 -8.18 47.01
N MET D 68 17.52 -8.91 46.61
CA MET D 68 17.08 -10.07 47.39
C MET D 68 17.94 -11.30 47.12
N ALA D 69 18.67 -11.33 46.00
CA ALA D 69 19.59 -12.41 45.72
C ALA D 69 20.94 -12.21 46.40
N LEU D 70 21.17 -11.06 47.01
CA LEU D 70 22.37 -10.82 47.78
C LEU D 70 22.23 -11.30 49.22
N TYR D 71 21.01 -11.28 49.74
CA TYR D 71 20.77 -11.71 51.12
C TYR D 71 20.85 -13.23 51.27
N THR D 72 20.27 -13.95 50.31
CA THR D 72 20.24 -15.41 50.38
C THR D 72 21.64 -15.99 50.18
N GLY D 73 22.51 -15.29 49.44
CA GLY D 73 23.90 -15.72 49.29
C GLY D 73 24.69 -15.69 50.59
N TYR D 74 24.23 -14.95 51.58
CA TYR D 74 24.79 -14.98 52.91
C TYR D 74 24.13 -16.02 53.82
N VAL D 75 22.92 -16.47 53.48
CA VAL D 75 22.18 -17.43 54.31
C VAL D 75 22.39 -18.86 53.80
N PHE D 76 21.88 -19.14 52.61
CA PHE D 76 22.01 -20.47 52.03
C PHE D 76 22.66 -20.40 50.66
N ALA E 20 7.72 -43.04 44.66
CA ALA E 20 6.68 -43.56 45.53
C ALA E 20 5.44 -42.67 45.52
N PRO E 21 4.63 -42.77 44.46
CA PRO E 21 3.41 -41.99 44.28
C PRO E 21 2.19 -42.73 44.81
N ALA E 22 1.26 -42.02 45.42
CA ALA E 22 0.02 -42.64 45.89
C ALA E 22 -0.79 -43.05 44.66
N TYR E 23 -1.37 -42.07 43.97
CA TYR E 23 -2.12 -42.32 42.75
C TYR E 23 -1.49 -41.65 41.52
N HIS E 24 -0.34 -41.00 41.74
CA HIS E 24 0.38 -40.29 40.69
C HIS E 24 0.93 -41.15 39.54
N LEU E 25 1.44 -42.33 39.83
CA LEU E 25 2.02 -43.16 38.78
C LEU E 25 1.00 -43.55 37.71
N ILE E 26 -0.23 -43.84 38.12
CA ILE E 26 -1.25 -44.22 37.16
C ILE E 26 -1.49 -43.08 36.18
N LEU E 27 -1.60 -41.87 36.70
CA LEU E 27 -1.79 -40.69 35.85
C LEU E 27 -0.55 -40.43 35.02
N GLU E 28 0.61 -40.62 35.65
CA GLU E 28 1.90 -40.38 35.01
C GLU E 28 2.15 -41.29 33.81
N GLY E 29 1.71 -42.55 33.91
CA GLY E 29 1.91 -43.50 32.83
C GLY E 29 1.21 -43.05 31.56
N ILE E 30 0.01 -42.51 31.69
CA ILE E 30 -0.75 -42.06 30.54
C ILE E 30 0.00 -40.93 29.82
N LEU E 31 0.59 -40.02 30.60
CA LEU E 31 1.31 -38.88 30.03
C LEU E 31 2.50 -39.31 29.21
N ILE E 32 3.27 -40.28 29.69
CA ILE E 32 4.45 -40.72 28.96
C ILE E 32 4.06 -41.30 27.61
N LEU E 33 3.02 -42.12 27.61
CA LEU E 33 2.53 -42.70 26.36
C LEU E 33 1.97 -41.62 25.46
N TRP E 34 1.27 -40.65 26.07
CA TRP E 34 0.68 -39.55 25.34
C TRP E 34 1.71 -38.78 24.54
N ILE E 35 2.91 -38.61 25.10
CA ILE E 35 3.95 -37.87 24.38
C ILE E 35 4.34 -38.62 23.12
N ILE E 36 4.45 -39.95 23.22
CA ILE E 36 5.05 -40.77 22.16
C ILE E 36 4.17 -40.80 20.93
N ARG E 37 2.86 -41.02 21.12
CA ARG E 37 1.95 -41.08 19.99
C ARG E 37 1.70 -39.69 19.42
N LEU E 38 2.00 -38.65 20.20
CA LEU E 38 1.95 -37.28 19.70
C LEU E 38 3.23 -36.93 18.96
N LEU E 39 4.35 -37.54 19.37
CA LEU E 39 5.65 -37.22 18.80
C LEU E 39 5.76 -37.70 17.36
N PHE E 40 5.14 -38.84 17.06
CA PHE E 40 5.16 -39.38 15.70
C PHE E 40 3.90 -38.96 14.96
N SER E 41 4.04 -37.97 14.08
CA SER E 41 2.92 -37.45 13.31
C SER E 41 3.37 -36.90 11.97
#